data_8PCW
#
_entry.id   8PCW
#
_cell.length_a   88.646
_cell.length_b   104.138
_cell.length_c   144.478
_cell.angle_alpha   90.00
_cell.angle_beta   90.00
_cell.angle_gamma   90.00
#
_symmetry.space_group_name_H-M   'P 21 21 21'
#
_entity_poly.entity_id   1
_entity_poly.type   'polypeptide(L)'
_entity_poly.pdbx_seq_one_letter_code
;GANAMGVLISAVGDTDPFRNFHDGALIHIARKYRPEKVILIFSEHTAKKQGNIEKALFSIAPNYEPELIIHDPIISDNEV
HIFDVMFQRFSDILQEYYTKEDEFILNLSSATPQIKSALFVINRLNGINVKAVQVSSPEHASNENIGHDNDENIDELIEV
NKDNKVNFIDRTIEDNAEKFSQALLKKTARDFIEKFDYKAALDILDQLSDFPNLKSVREEIRDVVNCLSKQDVPKGLRHK
KLKEEEQKILSAYLTIELQRERGNVSESFIRIKNLTEFILEDYIKKRYPGLIDEYCEDIQKYYLSLFDYSKLLKATKEFK
LKRTIAPIIDMNSSRNKVAHSLSPLDSDAVKQLGIAMKTLKTLVREQYHFSQSDFNFYQDLNKILLTKLN
;
_entity_poly.pdbx_strand_id   A,B
#
# COMPACT_ATOMS: atom_id res chain seq x y z
N ALA A 4 1.75 -19.20 25.57
CA ALA A 4 2.78 -18.41 24.86
C ALA A 4 4.12 -18.55 25.58
N MET A 5 5.21 -18.48 24.82
CA MET A 5 6.55 -18.57 25.38
C MET A 5 7.42 -17.49 24.75
N GLY A 6 8.50 -17.13 25.45
CA GLY A 6 9.44 -16.13 24.98
C GLY A 6 10.74 -16.75 24.48
N VAL A 7 11.06 -16.51 23.20
CA VAL A 7 12.29 -17.02 22.60
C VAL A 7 13.21 -15.85 22.27
N LEU A 8 14.40 -15.86 22.85
CA LEU A 8 15.43 -14.88 22.53
C LEU A 8 16.26 -15.40 21.35
N ILE A 9 15.99 -14.83 20.17
CA ILE A 9 16.68 -15.23 18.95
C ILE A 9 17.96 -14.40 18.82
N SER A 10 18.83 -14.54 19.82
CA SER A 10 19.94 -13.61 20.01
C SER A 10 21.26 -14.37 19.91
N ALA A 11 22.30 -13.68 19.40
CA ALA A 11 23.60 -14.30 19.19
C ALA A 11 24.45 -14.14 20.45
N VAL A 12 25.76 -14.36 20.30
CA VAL A 12 26.67 -14.40 21.44
C VAL A 12 28.05 -13.96 20.97
N GLY A 13 28.31 -12.65 21.07
CA GLY A 13 29.57 -12.07 20.64
C GLY A 13 30.61 -12.11 21.75
N ASP A 14 31.49 -11.08 21.78
CA ASP A 14 32.56 -11.01 22.74
C ASP A 14 31.98 -10.67 24.12
N THR A 15 30.85 -9.95 24.10
CA THR A 15 30.29 -9.38 25.32
C THR A 15 29.73 -10.50 26.19
N ASP A 16 28.98 -11.42 25.56
CA ASP A 16 28.47 -12.59 26.24
C ASP A 16 29.62 -13.57 26.46
N PRO A 17 29.73 -14.18 27.66
CA PRO A 17 28.71 -13.96 28.69
C PRO A 17 29.16 -12.96 29.75
N PHE A 18 30.43 -12.56 29.67
CA PHE A 18 31.05 -11.74 30.72
C PHE A 18 31.38 -10.36 30.16
N PHE A 21 32.88 -7.27 35.53
CA PHE A 21 32.25 -7.78 36.78
C PHE A 21 30.78 -8.11 36.51
N HIS A 22 30.08 -7.16 35.88
CA HIS A 22 28.69 -7.35 35.49
C HIS A 22 28.63 -8.26 34.27
N ASP A 23 27.46 -8.88 34.07
CA ASP A 23 27.31 -9.95 33.09
C ASP A 23 27.28 -9.34 31.69
N GLY A 24 26.96 -10.19 30.70
CA GLY A 24 26.94 -9.77 29.31
C GLY A 24 25.51 -9.63 28.79
N ALA A 25 25.37 -8.94 27.65
CA ALA A 25 24.07 -8.55 27.14
C ALA A 25 23.16 -9.78 27.08
N LEU A 26 23.71 -10.90 26.65
CA LEU A 26 22.97 -12.15 26.54
C LEU A 26 22.50 -12.59 27.93
N ILE A 27 23.46 -12.69 28.85
CA ILE A 27 23.15 -13.06 30.23
C ILE A 27 22.07 -12.12 30.75
N HIS A 28 22.35 -10.82 30.71
CA HIS A 28 21.39 -9.81 31.12
C HIS A 28 20.11 -9.95 30.29
N ILE A 29 20.28 -9.96 28.97
CA ILE A 29 19.15 -10.00 28.05
C ILE A 29 18.25 -11.17 28.44
N ALA A 30 18.86 -12.36 28.57
CA ALA A 30 18.12 -13.56 28.91
C ALA A 30 17.60 -13.47 30.33
N ARG A 31 18.43 -12.95 31.24
CA ARG A 31 18.15 -12.99 32.66
C ARG A 31 16.98 -12.05 32.96
N LYS A 32 16.94 -10.90 32.26
CA LYS A 32 16.01 -9.85 32.58
C LYS A 32 14.64 -10.20 32.03
N TYR A 33 14.61 -10.73 30.81
CA TYR A 33 13.37 -11.00 30.10
C TYR A 33 12.79 -12.32 30.60
N ARG A 34 13.64 -13.17 31.19
CA ARG A 34 13.22 -14.42 31.78
C ARG A 34 12.36 -15.18 30.77
N PRO A 35 12.97 -15.82 29.76
CA PRO A 35 12.19 -16.40 28.67
C PRO A 35 12.07 -17.92 28.76
N GLU A 36 11.47 -18.53 27.73
CA GLU A 36 11.26 -19.97 27.70
C GLU A 36 11.88 -20.54 26.43
N LYS A 37 12.75 -19.74 25.79
CA LYS A 37 13.43 -20.15 24.58
C LYS A 37 14.72 -19.36 24.43
N VAL A 38 15.84 -20.00 24.78
CA VAL A 38 17.15 -19.36 24.73
C VAL A 38 17.81 -19.68 23.40
N ILE A 39 17.26 -19.12 22.32
CA ILE A 39 17.79 -19.32 20.99
C ILE A 39 19.18 -18.69 20.91
N LEU A 40 20.16 -19.48 20.48
CA LEU A 40 21.53 -19.02 20.34
C LEU A 40 22.08 -19.44 18.99
N ILE A 41 22.45 -18.44 18.18
CA ILE A 41 23.04 -18.68 16.87
C ILE A 41 24.48 -18.20 16.88
N PHE A 42 25.37 -19.03 17.44
CA PHE A 42 26.77 -18.65 17.61
C PHE A 42 27.45 -18.58 16.26
N SER A 43 28.69 -18.08 16.25
CA SER A 43 29.48 -17.95 15.03
C SER A 43 30.86 -18.55 15.25
N GLU A 44 31.79 -18.21 14.36
CA GLU A 44 33.07 -18.90 14.26
C GLU A 44 33.80 -18.77 15.58
N HIS A 45 33.87 -17.54 16.11
CA HIS A 45 34.45 -17.27 17.41
C HIS A 45 33.51 -17.79 18.50
N THR A 46 32.20 -17.66 18.24
CA THR A 46 31.18 -17.99 19.23
C THR A 46 31.05 -19.50 19.32
N ALA A 47 32.12 -20.22 18.97
CA ALA A 47 32.26 -21.63 19.28
C ALA A 47 32.70 -21.79 20.73
N LYS A 48 33.85 -21.19 21.06
CA LYS A 48 34.40 -21.29 22.40
C LYS A 48 33.29 -21.10 23.43
N LYS A 49 32.52 -20.03 23.25
CA LYS A 49 31.59 -19.57 24.28
C LYS A 49 30.42 -20.54 24.37
N GLN A 50 30.36 -21.48 23.42
CA GLN A 50 29.38 -22.55 23.45
C GLN A 50 29.48 -23.28 24.78
N GLY A 51 30.72 -23.55 25.21
CA GLY A 51 30.97 -24.32 26.41
C GLY A 51 30.38 -23.63 27.65
N ASN A 52 30.80 -22.39 27.89
CA ASN A 52 30.53 -21.70 29.15
C ASN A 52 29.18 -21.00 29.05
N ILE A 53 28.94 -20.36 27.90
CA ILE A 53 27.70 -19.65 27.66
C ILE A 53 26.55 -20.41 28.32
N GLU A 54 26.42 -21.69 27.96
CA GLU A 54 25.49 -22.59 28.65
C GLU A 54 25.67 -22.44 30.15
N LYS A 55 26.81 -22.91 30.66
CA LYS A 55 27.05 -23.00 32.09
C LYS A 55 26.58 -21.72 32.76
N ALA A 56 26.71 -20.60 32.03
CA ALA A 56 26.22 -19.31 32.50
C ALA A 56 24.71 -19.31 32.58
N LEU A 57 24.07 -19.51 31.42
CA LEU A 57 22.62 -19.37 31.30
C LEU A 57 21.95 -20.23 32.37
N PHE A 58 22.43 -21.47 32.52
CA PHE A 58 21.81 -22.43 33.41
C PHE A 58 22.08 -22.04 34.86
N SER A 59 23.32 -21.64 35.13
CA SER A 59 23.82 -21.56 36.49
C SER A 59 23.39 -20.24 37.13
N ILE A 60 22.66 -19.44 36.35
CA ILE A 60 22.19 -18.13 36.81
C ILE A 60 21.28 -18.33 38.02
N ALA A 61 20.27 -19.19 37.85
CA ALA A 61 19.32 -19.49 38.91
C ALA A 61 18.71 -20.87 38.68
N PRO A 62 18.78 -21.78 39.68
CA PRO A 62 18.16 -23.09 39.53
C PRO A 62 16.64 -23.02 39.63
N ASN A 63 15.99 -24.16 39.39
CA ASN A 63 14.53 -24.22 39.33
C ASN A 63 14.03 -23.08 38.45
N TYR A 64 14.74 -22.82 37.34
CA TYR A 64 14.31 -21.89 36.34
C TYR A 64 14.97 -22.23 35.00
N GLU A 65 14.55 -23.36 34.43
CA GLU A 65 15.32 -24.01 33.38
C GLU A 65 14.71 -23.66 32.02
N PRO A 66 15.56 -23.39 31.00
CA PRO A 66 15.04 -22.86 29.74
C PRO A 66 15.08 -23.89 28.61
N GLU A 67 14.92 -23.40 27.38
CA GLU A 67 15.33 -24.15 26.19
C GLU A 67 16.58 -23.50 25.60
N LEU A 68 17.69 -24.25 25.61
CA LEU A 68 18.94 -23.78 25.04
C LEU A 68 19.22 -24.52 23.73
N ILE A 69 18.70 -23.98 22.63
CA ILE A 69 18.83 -24.61 21.33
C ILE A 69 19.97 -23.93 20.56
N ILE A 70 21.05 -24.69 20.35
CA ILE A 70 22.14 -24.26 19.49
C ILE A 70 21.62 -24.19 18.06
N HIS A 71 22.02 -23.13 17.34
CA HIS A 71 21.39 -22.77 16.08
C HIS A 71 21.60 -23.91 15.07
N PRO A 73 23.79 -24.80 11.85
CA PRO A 73 24.58 -24.05 10.85
C PRO A 73 25.44 -22.96 11.51
N ILE A 74 26.63 -23.36 11.95
CA ILE A 74 27.59 -22.44 12.51
C ILE A 74 27.68 -21.20 11.60
N ILE A 75 27.95 -20.04 12.22
CA ILE A 75 28.02 -18.79 11.49
C ILE A 75 29.38 -18.68 10.82
N SER A 76 29.48 -17.76 9.85
CA SER A 76 30.49 -17.83 8.81
C SER A 76 31.67 -16.93 9.16
N ASP A 77 32.76 -17.55 9.62
CA ASP A 77 33.85 -16.82 10.26
C ASP A 77 34.29 -15.68 9.37
N ASN A 78 33.88 -15.73 8.09
CA ASN A 78 34.19 -14.69 7.13
C ASN A 78 32.94 -13.84 6.90
N GLU A 79 31.80 -14.51 6.78
CA GLU A 79 30.55 -13.84 6.47
C GLU A 79 29.84 -13.45 7.77
N VAL A 80 30.64 -13.14 8.79
CA VAL A 80 30.11 -12.69 10.07
C VAL A 80 30.48 -11.22 10.27
N HIS A 81 31.03 -10.61 9.22
CA HIS A 81 31.12 -9.16 9.13
C HIS A 81 30.61 -8.71 7.76
N ILE A 82 29.94 -9.63 7.06
CA ILE A 82 29.34 -9.33 5.76
C ILE A 82 27.96 -8.74 6.00
N PHE A 83 27.67 -7.63 5.30
CA PHE A 83 26.52 -6.80 5.61
C PHE A 83 25.24 -7.55 5.25
N ASP A 84 24.88 -7.51 3.96
CA ASP A 84 23.60 -8.02 3.49
C ASP A 84 23.46 -9.48 3.90
N VAL A 85 24.59 -10.18 3.97
CA VAL A 85 24.63 -11.55 4.44
C VAL A 85 24.05 -11.62 5.85
N MET A 86 24.59 -10.77 6.73
CA MET A 86 24.16 -10.72 8.11
C MET A 86 22.63 -10.63 8.16
N PHE A 87 22.06 -9.78 7.30
CA PHE A 87 20.63 -9.56 7.25
C PHE A 87 19.94 -10.80 6.68
N GLN A 88 20.60 -11.45 5.73
CA GLN A 88 20.02 -12.56 4.99
C GLN A 88 19.97 -13.79 5.91
N ARG A 89 21.11 -14.09 6.53
CA ARG A 89 21.18 -15.13 7.55
C ARG A 89 20.08 -14.88 8.59
N PHE A 90 20.09 -13.68 9.17
CA PHE A 90 19.27 -13.38 10.34
C PHE A 90 17.80 -13.34 9.92
N SER A 91 17.54 -12.74 8.75
CA SER A 91 16.19 -12.68 8.20
C SER A 91 15.64 -14.10 8.06
N ASP A 92 16.53 -15.05 7.79
CA ASP A 92 16.18 -16.47 7.81
C ASP A 92 16.01 -16.92 9.26
N ILE A 93 17.01 -16.62 10.09
CA ILE A 93 17.03 -17.08 11.47
C ILE A 93 15.70 -16.72 12.13
N LEU A 94 15.24 -15.49 11.87
CA LEU A 94 13.95 -15.03 12.36
C LEU A 94 12.83 -15.83 11.70
N GLN A 95 13.02 -16.10 10.40
CA GLN A 95 12.00 -16.78 9.60
C GLN A 95 11.81 -18.19 10.13
N GLU A 96 12.89 -18.77 10.65
CA GLU A 96 12.90 -20.17 11.04
C GLU A 96 11.76 -20.44 12.02
N TYR A 97 11.90 -19.89 13.24
CA TYR A 97 10.89 -20.05 14.28
C TYR A 97 9.89 -18.90 14.20
N TYR A 98 8.82 -19.12 13.43
CA TYR A 98 7.97 -18.04 12.97
C TYR A 98 7.43 -17.27 14.18
N THR A 99 7.22 -17.99 15.28
CA THR A 99 6.81 -17.38 16.53
C THR A 99 5.35 -16.96 16.43
N LYS A 100 4.49 -17.92 16.05
CA LYS A 100 3.11 -17.62 15.71
C LYS A 100 2.42 -17.00 16.93
N GLU A 101 2.65 -17.60 18.10
CA GLU A 101 1.92 -17.26 19.31
C GLU A 101 2.90 -17.10 20.46
N ASP A 102 4.15 -16.76 20.12
CA ASP A 102 5.17 -16.49 21.12
C ASP A 102 5.84 -15.16 20.80
N GLU A 103 6.77 -14.75 21.66
CA GLU A 103 7.46 -13.48 21.50
C GLU A 103 8.95 -13.75 21.27
N PHE A 104 9.51 -13.06 20.28
CA PHE A 104 10.93 -13.18 19.97
C PHE A 104 11.71 -12.11 20.73
N ILE A 105 12.76 -12.54 21.45
CA ILE A 105 13.64 -11.63 22.15
C ILE A 105 14.84 -11.33 21.25
N LEU A 106 14.63 -10.44 20.28
CA LEU A 106 15.71 -9.98 19.41
C LEU A 106 16.80 -9.36 20.26
N ASN A 107 17.47 -10.20 21.07
CA ASN A 107 18.41 -9.72 22.06
C ASN A 107 19.66 -9.18 21.38
N LEU A 108 19.46 -8.22 20.47
CA LEU A 108 20.54 -7.70 19.66
C LEU A 108 21.22 -6.54 20.38
N SER A 109 21.93 -6.86 21.47
CA SER A 109 22.72 -5.88 22.19
C SER A 109 24.21 -6.22 22.07
N SER A 110 24.50 -7.51 21.88
CA SER A 110 25.87 -7.99 21.82
C SER A 110 26.10 -8.74 20.50
N ALA A 111 27.35 -8.72 20.04
CA ALA A 111 27.75 -9.49 18.86
C ALA A 111 28.51 -8.58 17.91
N THR A 112 28.73 -9.07 16.68
CA THR A 112 29.49 -8.35 15.68
C THR A 112 28.61 -7.26 15.07
N PRO A 113 29.17 -6.05 14.82
CA PRO A 113 28.35 -4.93 14.37
C PRO A 113 27.23 -5.36 13.42
N GLN A 114 27.63 -5.98 12.30
CA GLN A 114 26.68 -6.36 11.26
C GLN A 114 25.48 -7.04 11.91
N ILE A 115 25.77 -8.02 12.78
CA ILE A 115 24.72 -8.77 13.46
C ILE A 115 23.79 -7.79 14.17
N LYS A 116 24.40 -6.87 14.94
CA LYS A 116 23.64 -5.96 15.78
C LYS A 116 22.70 -5.13 14.92
N SER A 117 23.29 -4.32 14.04
CA SER A 117 22.55 -3.64 12.99
C SER A 117 21.43 -4.55 12.48
N ALA A 118 21.81 -5.79 12.14
CA ALA A 118 20.96 -6.67 11.36
C ALA A 118 19.77 -7.12 12.20
N LEU A 119 20.06 -7.56 13.44
CA LEU A 119 19.03 -7.87 14.40
C LEU A 119 17.99 -6.76 14.41
N PHE A 120 18.46 -5.52 14.52
CA PHE A 120 17.59 -4.36 14.62
C PHE A 120 16.70 -4.29 13.38
N VAL A 121 17.33 -4.24 12.20
CA VAL A 121 16.61 -4.10 10.95
C VAL A 121 15.59 -5.21 10.85
N ILE A 122 15.93 -6.39 11.37
CA ILE A 122 15.03 -7.52 11.41
C ILE A 122 13.84 -7.16 12.30
N ASN A 123 14.12 -6.90 13.58
CA ASN A 123 13.09 -6.61 14.55
C ASN A 123 12.28 -5.40 14.10
N ARG A 124 12.99 -4.32 13.76
CA ARG A 124 12.36 -3.07 13.40
C ARG A 124 11.48 -3.27 12.17
N LEU A 125 12.05 -3.89 11.13
CA LEU A 125 11.30 -4.32 9.97
C LEU A 125 10.18 -5.26 10.42
N ASN A 126 10.55 -6.25 11.25
CA ASN A 126 9.77 -7.47 11.39
C ASN A 126 8.36 -7.12 11.87
N GLY A 127 7.44 -6.96 10.92
CA GLY A 127 6.14 -6.37 11.19
C GLY A 127 5.21 -7.35 11.90
N ILE A 128 5.47 -7.57 13.19
CA ILE A 128 4.59 -8.36 14.03
C ILE A 128 5.11 -8.34 15.47
N ASN A 129 4.38 -9.00 16.37
CA ASN A 129 4.76 -9.08 17.77
C ASN A 129 6.09 -9.79 17.89
N VAL A 130 7.19 -9.02 17.91
CA VAL A 130 8.51 -9.55 18.15
C VAL A 130 9.40 -8.42 18.66
N LYS A 131 10.02 -8.64 19.83
CA LYS A 131 10.66 -7.58 20.58
C LYS A 131 12.12 -7.48 20.16
N ALA A 132 12.56 -6.27 19.83
CA ALA A 132 13.96 -5.96 19.67
C ALA A 132 14.47 -5.21 20.89
N VAL A 133 15.71 -5.49 21.29
CA VAL A 133 16.20 -5.14 22.62
C VAL A 133 17.65 -4.72 22.51
N GLN A 134 18.10 -3.91 23.47
CA GLN A 134 19.50 -3.54 23.60
C GLN A 134 19.95 -3.74 25.04
N VAL A 135 21.11 -3.17 25.38
CA VAL A 135 21.71 -3.35 26.69
C VAL A 135 22.78 -2.29 26.89
N SER A 136 22.69 -1.56 28.01
CA SER A 136 23.50 -0.38 28.24
C SER A 136 24.60 -0.70 29.24
N SER A 137 25.84 -0.32 28.88
CA SER A 137 27.02 -0.78 29.61
C SER A 137 27.20 0.04 30.89
N ASN A 153 38.35 -18.62 35.41
CA ASN A 153 37.50 -19.21 36.46
C ASN A 153 36.03 -19.10 36.04
N ILE A 154 35.52 -20.18 35.45
CA ILE A 154 34.20 -20.17 34.83
C ILE A 154 33.15 -19.97 35.92
N ASP A 155 33.27 -20.76 36.99
CA ASP A 155 32.32 -20.71 38.09
C ASP A 155 32.68 -19.53 39.00
N GLU A 156 33.91 -19.04 38.86
CA GLU A 156 34.39 -17.92 39.65
C GLU A 156 33.63 -16.66 39.24
N LEU A 157 33.72 -16.32 37.94
CA LEU A 157 33.05 -15.16 37.40
C LEU A 157 31.54 -15.32 37.57
N ILE A 158 31.07 -16.57 37.45
CA ILE A 158 29.65 -16.86 37.46
C ILE A 158 29.16 -16.88 38.90
N GLU A 159 29.97 -16.30 39.80
CA GLU A 159 29.58 -16.13 41.19
C GLU A 159 29.57 -14.64 41.54
N VAL A 160 30.57 -13.92 41.02
CA VAL A 160 30.81 -12.54 41.42
C VAL A 160 30.19 -11.61 40.38
N ASN A 161 29.23 -12.16 39.61
CA ASN A 161 28.55 -11.40 38.57
C ASN A 161 27.83 -10.21 39.21
N LYS A 162 27.98 -9.04 38.60
CA LYS A 162 27.55 -7.79 39.21
C LYS A 162 26.03 -7.75 39.26
N ASP A 163 25.39 -8.53 38.39
CA ASP A 163 23.95 -8.74 38.44
C ASP A 163 23.67 -10.22 38.59
N ASN A 164 24.06 -10.77 39.75
CA ASN A 164 23.88 -12.19 40.03
C ASN A 164 22.90 -12.36 41.19
N LYS A 165 21.91 -11.46 41.25
CA LYS A 165 20.93 -11.48 42.31
C LYS A 165 19.54 -11.29 41.70
N VAL A 166 18.54 -11.10 42.57
CA VAL A 166 17.15 -11.06 42.14
C VAL A 166 16.77 -9.61 41.84
N ASN A 167 17.20 -8.70 42.71
CA ASN A 167 16.81 -7.30 42.63
C ASN A 167 18.03 -6.48 42.19
N PHE A 168 18.26 -6.45 40.87
CA PHE A 168 19.45 -5.82 40.32
C PHE A 168 19.03 -4.74 39.32
N ILE A 169 19.99 -3.92 38.91
CA ILE A 169 19.74 -2.82 38.00
C ILE A 169 19.59 -3.37 36.58
N ASP A 170 18.34 -3.48 36.12
CA ASP A 170 18.05 -4.04 34.81
C ASP A 170 18.28 -2.98 33.75
N ARG A 171 19.41 -3.11 33.03
CA ARG A 171 19.84 -2.10 32.09
C ARG A 171 19.16 -2.35 30.74
N THR A 172 18.38 -3.42 30.66
CA THR A 172 17.68 -3.80 29.44
C THR A 172 16.56 -2.80 29.18
N ILE A 173 16.54 -2.25 27.95
CA ILE A 173 15.53 -1.29 27.55
C ILE A 173 15.14 -1.57 26.10
N GLU A 174 13.84 -1.80 25.87
CA GLU A 174 13.34 -2.25 24.59
C GLU A 174 13.20 -1.06 23.65
N ASP A 175 12.83 -1.34 22.40
CA ASP A 175 12.90 -0.36 21.32
C ASP A 175 11.62 0.46 21.32
N ASN A 176 10.47 -0.24 21.37
CA ASN A 176 9.17 0.40 21.41
C ASN A 176 9.03 1.32 20.20
N ALA A 177 8.89 0.71 19.02
CA ALA A 177 8.63 1.44 17.80
C ALA A 177 7.29 1.03 17.22
N GLU A 178 6.99 1.52 16.01
CA GLU A 178 5.70 1.31 15.39
C GLU A 178 5.71 -0.04 14.67
N LYS A 179 6.91 -0.56 14.41
CA LYS A 179 7.08 -1.78 13.63
C LYS A 179 7.32 -1.42 12.18
N PHE A 180 6.79 -0.25 11.77
CA PHE A 180 7.12 0.33 10.47
C PHE A 180 6.39 -0.45 9.37
N SER A 181 6.15 -1.73 9.63
CA SER A 181 5.21 -2.52 8.85
C SER A 181 3.87 -1.79 8.79
N GLN A 182 3.39 -1.37 9.97
CA GLN A 182 2.11 -0.68 10.07
C GLN A 182 2.25 0.72 9.47
N ALA A 183 3.46 1.27 9.54
CA ALA A 183 3.74 2.60 9.03
C ALA A 183 3.23 2.70 7.58
N LEU A 184 3.81 1.87 6.71
CA LEU A 184 3.34 1.77 5.34
C LEU A 184 1.85 1.47 5.33
N LEU A 185 1.45 0.48 6.14
CA LEU A 185 0.06 0.09 6.25
C LEU A 185 -0.78 1.33 6.51
N LYS A 186 -0.38 2.12 7.51
CA LYS A 186 -1.12 3.30 7.93
C LYS A 186 -1.13 4.31 6.79
N LYS A 187 0.04 4.87 6.47
CA LYS A 187 0.21 5.72 5.30
C LYS A 187 -0.65 5.17 4.16
N THR A 188 -0.39 3.91 3.79
CA THR A 188 -0.92 3.36 2.54
C THR A 188 -2.44 3.28 2.63
N ALA A 189 -2.95 3.01 3.84
CA ALA A 189 -4.37 3.00 4.07
C ALA A 189 -4.91 4.43 4.14
N ARG A 190 -4.12 5.31 4.77
CA ARG A 190 -4.48 6.72 4.88
C ARG A 190 -4.79 7.26 3.50
N ASP A 191 -3.85 7.08 2.56
CA ASP A 191 -3.88 7.78 1.29
C ASP A 191 -5.20 7.49 0.59
N PHE A 192 -5.83 6.38 0.98
CA PHE A 192 -7.07 5.93 0.36
C PHE A 192 -8.24 6.72 0.95
N ILE A 193 -8.27 6.82 2.28
CA ILE A 193 -9.26 7.62 2.98
C ILE A 193 -9.28 9.02 2.37
N GLU A 194 -8.09 9.61 2.23
CA GLU A 194 -7.95 10.94 1.63
C GLU A 194 -8.21 10.84 0.14
N LYS A 195 -8.03 9.63 -0.42
CA LYS A 195 -8.25 9.39 -1.84
C LYS A 195 -9.75 9.21 -2.08
N PHE A 196 -10.51 9.13 -0.99
CA PHE A 196 -11.97 9.08 -1.07
C PHE A 196 -12.42 7.63 -1.17
N ASP A 197 -11.47 6.71 -0.99
CA ASP A 197 -11.72 5.29 -1.19
C ASP A 197 -11.82 4.60 0.17
N TYR A 198 -13.02 4.64 0.76
CA TYR A 198 -13.25 4.11 2.09
C TYR A 198 -13.11 2.59 2.06
N LYS A 199 -13.48 1.99 0.93
CA LYS A 199 -13.38 0.56 0.73
C LYS A 199 -11.90 0.15 0.79
N ALA A 200 -11.08 0.80 -0.03
CA ALA A 200 -9.64 0.67 0.05
C ALA A 200 -9.19 0.84 1.49
N ALA A 201 -9.47 2.02 2.07
CA ALA A 201 -9.03 2.36 3.40
C ALA A 201 -9.39 1.23 4.36
N LEU A 202 -10.66 0.80 4.30
CA LEU A 202 -11.18 -0.20 5.22
C LEU A 202 -10.23 -1.40 5.24
N ASP A 203 -9.99 -1.97 4.06
CA ASP A 203 -9.21 -3.21 3.95
C ASP A 203 -7.83 -2.97 4.56
N ILE A 204 -7.11 -1.98 4.00
CA ILE A 204 -5.85 -1.53 4.58
C ILE A 204 -5.92 -1.71 6.09
N LEU A 205 -7.01 -1.22 6.69
CA LEU A 205 -7.06 -0.95 8.11
C LEU A 205 -7.23 -2.27 8.86
N ASP A 206 -7.98 -3.20 8.26
CA ASP A 206 -8.35 -4.44 8.90
C ASP A 206 -7.12 -5.33 9.05
N GLN A 207 -6.13 -5.10 8.17
CA GLN A 207 -4.83 -5.74 8.29
C GLN A 207 -4.10 -5.19 9.51
N LEU A 208 -4.35 -3.92 9.81
CA LEU A 208 -3.50 -3.16 10.72
C LEU A 208 -3.64 -3.73 12.13
N SER A 209 -2.48 -4.04 12.74
CA SER A 209 -2.44 -4.65 14.05
C SER A 209 -2.90 -3.65 15.10
N ASP A 210 -3.26 -4.17 16.29
CA ASP A 210 -3.95 -3.38 17.30
C ASP A 210 -3.32 -2.00 17.38
N PHE A 211 -4.17 -0.97 17.48
CA PHE A 211 -3.72 0.39 17.73
C PHE A 211 -4.88 1.20 18.30
N PRO A 212 -4.62 2.07 19.31
CA PRO A 212 -5.70 2.85 19.92
C PRO A 212 -6.77 3.25 18.89
N ASN A 213 -6.42 4.20 18.03
CA ASN A 213 -7.38 4.84 17.14
C ASN A 213 -7.86 3.81 16.12
N LEU A 214 -7.62 2.53 16.43
CA LEU A 214 -8.11 1.43 15.59
C LEU A 214 -9.63 1.56 15.44
N LYS A 215 -10.33 1.38 16.56
CA LYS A 215 -11.79 1.31 16.55
C LYS A 215 -12.34 2.51 15.77
N SER A 216 -11.83 3.70 16.09
CA SER A 216 -12.39 4.94 15.57
C SER A 216 -12.16 5.02 14.07
N VAL A 217 -10.99 4.53 13.62
CA VAL A 217 -10.69 4.42 12.20
C VAL A 217 -11.59 3.34 11.59
N ARG A 218 -11.43 2.11 12.09
CA ARG A 218 -12.19 0.98 11.57
C ARG A 218 -13.68 1.28 11.71
N GLU A 219 -14.15 1.39 12.95
CA GLU A 219 -15.56 1.56 13.25
C GLU A 219 -16.14 2.62 12.30
N GLU A 220 -15.43 3.74 12.17
CA GLU A 220 -15.85 4.83 11.32
C GLU A 220 -15.94 4.33 9.87
N ILE A 221 -14.79 3.93 9.33
CA ILE A 221 -14.73 3.37 7.99
C ILE A 221 -15.86 2.36 7.82
N ARG A 222 -16.08 1.55 8.86
CA ARG A 222 -17.00 0.43 8.79
C ARG A 222 -18.42 0.96 8.57
N ASP A 223 -18.80 1.95 9.38
CA ASP A 223 -20.14 2.51 9.31
C ASP A 223 -20.37 3.14 7.94
N VAL A 224 -19.34 3.84 7.46
CA VAL A 224 -19.42 4.51 6.16
C VAL A 224 -19.62 3.46 5.07
N VAL A 225 -18.74 2.45 5.07
CA VAL A 225 -18.83 1.36 4.12
C VAL A 225 -20.26 0.80 4.14
N ASN A 226 -20.57 0.05 5.20
CA ASN A 226 -21.85 -0.62 5.32
C ASN A 226 -22.94 0.27 4.72
N CYS A 227 -23.05 1.50 5.23
CA CYS A 227 -24.20 2.36 4.98
C CYS A 227 -24.35 2.57 3.48
N LEU A 228 -23.24 2.95 2.83
CA LEU A 228 -23.25 3.29 1.42
C LEU A 228 -23.89 2.15 0.64
N SER A 229 -23.36 0.93 0.84
CA SER A 229 -23.81 -0.24 0.10
C SER A 229 -25.33 -0.38 0.22
N LYS A 230 -25.83 -0.25 1.46
CA LYS A 230 -27.20 -0.60 1.78
C LYS A 230 -28.15 0.37 1.09
N GLN A 231 -27.71 1.63 0.96
CA GLN A 231 -28.51 2.67 0.34
C GLN A 231 -29.25 3.44 1.43
N ASP A 232 -28.91 3.15 2.68
CA ASP A 232 -29.41 3.92 3.81
C ASP A 232 -28.56 5.17 3.99
N VAL A 233 -29.04 6.10 4.81
CA VAL A 233 -28.17 7.06 5.49
C VAL A 233 -27.20 6.28 6.38
N PRO A 234 -25.94 6.75 6.51
CA PRO A 234 -24.86 5.85 6.93
C PRO A 234 -24.91 5.52 8.42
N LYS A 235 -25.78 6.25 9.14
CA LYS A 235 -25.91 6.08 10.58
C LYS A 235 -24.72 6.73 11.27
N GLY A 236 -23.91 7.45 10.50
CA GLY A 236 -23.07 8.51 11.03
C GLY A 236 -23.61 9.89 10.66
N LEU A 237 -24.00 10.05 9.40
CA LEU A 237 -24.62 11.28 8.93
C LEU A 237 -26.12 11.22 9.22
N ARG A 238 -26.51 10.36 10.16
CA ARG A 238 -27.86 10.36 10.70
C ARG A 238 -28.07 11.62 11.53
N HIS A 239 -27.98 12.78 10.87
CA HIS A 239 -28.08 14.06 11.54
C HIS A 239 -29.56 14.45 11.64
N LYS A 240 -29.83 15.54 12.37
CA LYS A 240 -31.19 15.90 12.75
C LYS A 240 -31.89 16.54 11.55
N LYS A 241 -31.91 15.81 10.42
CA LYS A 241 -32.50 16.32 9.20
C LYS A 241 -34.01 16.12 9.25
N LEU A 242 -34.71 16.71 8.28
CA LEU A 242 -36.15 16.83 8.32
C LEU A 242 -36.78 15.56 7.74
N LYS A 243 -36.58 14.44 8.44
CA LYS A 243 -37.21 13.18 8.07
C LYS A 243 -36.32 12.45 7.05
N GLU A 244 -36.80 11.30 6.59
CA GLU A 244 -36.09 10.51 5.59
C GLU A 244 -35.77 11.39 4.40
N GLU A 245 -36.76 12.17 3.96
CA GLU A 245 -36.67 12.93 2.72
C GLU A 245 -35.41 13.80 2.75
N GLU A 246 -35.04 14.24 3.96
CA GLU A 246 -33.83 15.02 4.15
C GLU A 246 -32.62 14.09 4.14
N GLN A 247 -32.60 13.17 5.11
CA GLN A 247 -31.45 12.30 5.32
C GLN A 247 -31.10 11.58 4.02
N LYS A 248 -32.11 10.94 3.43
CA LYS A 248 -31.96 10.26 2.15
C LYS A 248 -31.58 11.28 1.09
N ILE A 249 -32.22 12.44 1.14
CA ILE A 249 -32.02 13.48 0.14
C ILE A 249 -30.60 14.01 0.25
N LEU A 250 -30.08 14.05 1.49
CA LEU A 250 -28.67 14.31 1.73
C LEU A 250 -27.86 13.07 1.33
N SER A 251 -28.29 11.91 1.81
CA SER A 251 -27.51 10.69 1.69
C SER A 251 -27.20 10.42 0.23
N ALA A 252 -28.23 10.45 -0.61
CA ALA A 252 -28.07 10.35 -2.06
C ALA A 252 -27.15 11.47 -2.55
N TYR A 253 -27.46 12.70 -2.12
CA TYR A 253 -26.88 13.89 -2.71
C TYR A 253 -25.36 13.78 -2.72
N LEU A 254 -24.83 13.01 -1.75
CA LEU A 254 -23.39 12.90 -1.56
C LEU A 254 -22.93 11.54 -2.05
N THR A 255 -23.83 10.56 -2.04
CA THR A 255 -23.61 9.28 -2.69
C THR A 255 -23.13 9.52 -4.12
N ILE A 256 -23.78 10.49 -4.78
CA ILE A 256 -23.43 10.85 -6.15
C ILE A 256 -22.14 11.68 -6.12
N GLU A 257 -22.11 12.67 -5.22
CA GLU A 257 -20.94 13.51 -5.05
C GLU A 257 -19.73 12.64 -4.78
N LEU A 258 -19.73 11.97 -3.62
CA LEU A 258 -18.71 11.00 -3.27
C LEU A 258 -18.37 10.16 -4.50
N GLN A 259 -19.39 9.48 -5.03
CA GLN A 259 -19.25 8.69 -6.24
C GLN A 259 -18.39 9.46 -7.24
N ARG A 260 -18.91 10.61 -7.69
CA ARG A 260 -18.28 11.39 -8.75
C ARG A 260 -16.82 11.65 -8.37
N GLU A 261 -16.57 11.75 -7.07
CA GLU A 261 -15.23 12.01 -6.57
C GLU A 261 -14.30 10.88 -7.00
N ARG A 262 -14.85 9.66 -7.05
CA ARG A 262 -14.06 8.45 -7.24
C ARG A 262 -13.76 8.28 -8.72
N GLY A 263 -14.66 7.60 -9.43
CA GLY A 263 -14.44 7.21 -10.82
C GLY A 263 -15.74 6.97 -11.56
N ASN A 264 -16.74 6.44 -10.84
CA ASN A 264 -17.88 5.78 -11.46
C ASN A 264 -18.67 6.80 -12.26
N VAL A 265 -18.14 7.18 -13.42
CA VAL A 265 -18.70 8.26 -14.22
C VAL A 265 -19.96 7.75 -14.91
N SER A 266 -20.28 6.47 -14.68
CA SER A 266 -21.52 5.89 -15.16
C SER A 266 -22.48 5.72 -14.00
N GLU A 267 -21.98 5.94 -12.78
CA GLU A 267 -22.81 5.95 -11.59
C GLU A 267 -23.65 7.22 -11.56
N SER A 268 -22.99 8.36 -11.82
CA SER A 268 -23.65 9.65 -11.82
C SER A 268 -25.03 9.52 -12.44
N PHE A 269 -25.06 9.13 -13.73
CA PHE A 269 -26.29 9.10 -14.50
C PHE A 269 -27.41 8.49 -13.65
N ILE A 270 -27.13 7.31 -13.07
CA ILE A 270 -28.12 6.59 -12.29
C ILE A 270 -28.54 7.45 -11.10
N ARG A 271 -27.56 7.82 -10.27
CA ARG A 271 -27.81 8.57 -9.07
C ARG A 271 -28.64 9.80 -9.40
N ILE A 272 -28.12 10.62 -10.32
CA ILE A 272 -28.75 11.88 -10.70
C ILE A 272 -30.17 11.59 -11.17
N LYS A 273 -30.29 10.70 -12.16
CA LYS A 273 -31.57 10.42 -12.80
C LYS A 273 -32.58 10.01 -11.73
N ASN A 274 -32.10 9.31 -10.71
CA ASN A 274 -32.88 9.04 -9.51
C ASN A 274 -33.35 10.36 -8.91
N LEU A 275 -32.39 11.10 -8.35
CA LEU A 275 -32.69 12.33 -7.63
C LEU A 275 -33.46 13.28 -8.55
N THR A 276 -32.92 13.52 -9.74
CA THR A 276 -33.59 14.30 -10.76
C THR A 276 -35.09 14.01 -10.71
N GLU A 277 -35.44 12.74 -10.52
CA GLU A 277 -36.81 12.33 -10.33
C GLU A 277 -37.23 12.62 -8.91
N PHE A 278 -36.50 12.04 -7.95
CA PHE A 278 -36.92 12.04 -6.55
C PHE A 278 -37.42 13.42 -6.17
N ILE A 279 -36.64 14.45 -6.49
CA ILE A 279 -36.99 15.82 -6.20
C ILE A 279 -38.08 16.25 -7.18
N LEU A 280 -37.90 15.87 -8.45
CA LEU A 280 -38.85 16.21 -9.51
C LEU A 280 -40.26 15.84 -9.05
N GLU A 281 -40.39 14.64 -8.47
CA GLU A 281 -41.67 14.15 -8.01
C GLU A 281 -42.03 14.83 -6.69
N ASP A 282 -41.01 15.25 -5.95
CA ASP A 282 -41.19 15.92 -4.67
C ASP A 282 -41.94 17.22 -4.90
N TYR A 283 -41.46 18.03 -5.84
CA TYR A 283 -42.04 19.34 -6.12
C TYR A 283 -43.42 19.16 -6.74
N ILE A 284 -43.52 18.20 -7.67
CA ILE A 284 -44.76 17.93 -8.37
C ILE A 284 -45.82 17.50 -7.37
N LYS A 285 -45.39 16.73 -6.35
CA LYS A 285 -46.29 16.24 -5.32
C LYS A 285 -46.96 17.42 -4.63
N LYS A 286 -46.19 18.49 -4.41
CA LYS A 286 -46.70 19.71 -3.82
C LYS A 286 -47.47 20.49 -4.88
N ARG A 287 -46.73 21.22 -5.71
CA ARG A 287 -47.30 22.23 -6.59
C ARG A 287 -48.18 21.53 -7.63
N TYR A 288 -49.48 21.88 -7.65
CA TYR A 288 -50.47 21.15 -8.41
C TYR A 288 -50.53 19.71 -7.91
N PRO A 289 -50.90 19.49 -6.62
CA PRO A 289 -50.88 18.15 -6.06
C PRO A 289 -51.01 17.06 -7.13
N GLY A 290 -49.88 16.45 -7.49
CA GLY A 290 -49.87 15.33 -8.42
C GLY A 290 -51.16 15.26 -9.23
N LEU A 291 -52.17 14.61 -8.66
CA LEU A 291 -53.43 14.37 -9.35
C LEU A 291 -53.15 13.82 -10.74
N ILE A 292 -52.17 12.92 -10.83
CA ILE A 292 -51.77 12.32 -12.09
C ILE A 292 -53.01 12.22 -12.98
N SER A 305 -41.36 8.75 -16.29
CA SER A 305 -39.99 9.01 -16.82
C SER A 305 -39.70 10.51 -16.79
N LEU A 306 -38.59 10.91 -17.43
CA LEU A 306 -38.17 12.30 -17.47
C LEU A 306 -39.12 13.07 -18.38
N PHE A 307 -39.68 12.38 -19.38
CA PHE A 307 -40.60 12.98 -20.32
C PHE A 307 -41.94 13.26 -19.63
N ASP A 308 -42.20 12.51 -18.56
CA ASP A 308 -43.36 12.75 -17.71
C ASP A 308 -43.12 13.99 -16.86
N TYR A 309 -41.86 14.15 -16.41
CA TYR A 309 -41.41 15.40 -15.83
C TYR A 309 -41.49 16.51 -16.87
N SER A 310 -40.91 16.25 -18.04
CA SER A 310 -40.71 17.27 -19.05
C SER A 310 -42.05 17.92 -19.40
N LYS A 311 -43.07 17.09 -19.58
CA LYS A 311 -44.39 17.56 -19.95
C LYS A 311 -45.03 18.26 -18.75
N LEU A 312 -44.89 17.65 -17.57
CA LEU A 312 -45.55 18.12 -16.37
C LEU A 312 -45.02 19.51 -16.01
N LEU A 313 -43.82 19.82 -16.51
CA LEU A 313 -43.11 21.03 -16.13
C LEU A 313 -43.93 22.24 -16.54
N LYS A 314 -44.42 22.23 -17.79
CA LYS A 314 -45.04 23.40 -18.39
C LYS A 314 -46.33 23.73 -17.64
N ALA A 315 -47.26 22.77 -17.63
CA ALA A 315 -48.66 23.06 -17.46
C ALA A 315 -48.97 23.27 -15.97
N THR A 316 -48.04 22.84 -15.12
CA THR A 316 -48.34 22.57 -13.72
C THR A 316 -47.55 23.52 -12.84
N LYS A 317 -47.69 24.82 -13.10
CA LYS A 317 -47.06 25.85 -12.30
C LYS A 317 -45.55 25.64 -12.32
N GLU A 318 -45.00 25.46 -13.53
CA GLU A 318 -43.56 25.35 -13.72
C GLU A 318 -43.15 26.23 -14.90
N PHE A 319 -41.98 26.86 -14.77
CA PHE A 319 -41.42 27.68 -15.84
C PHE A 319 -39.90 27.77 -15.66
N LYS A 320 -39.48 28.23 -14.48
CA LYS A 320 -38.07 28.40 -14.18
C LYS A 320 -37.42 27.04 -13.97
N LEU A 321 -38.25 26.06 -13.58
CA LEU A 321 -37.78 24.72 -13.24
C LEU A 321 -37.42 23.98 -14.52
N LYS A 322 -38.04 24.39 -15.63
CA LYS A 322 -37.85 23.73 -16.91
C LYS A 322 -36.44 24.02 -17.43
N ARG A 323 -35.97 25.24 -17.17
CA ARG A 323 -34.60 25.62 -17.48
C ARG A 323 -33.64 24.73 -16.71
N THR A 324 -33.87 24.62 -15.40
CA THR A 324 -33.00 23.85 -14.52
C THR A 324 -33.01 22.40 -14.95
N ILE A 325 -34.21 21.84 -15.14
CA ILE A 325 -34.40 20.42 -15.26
C ILE A 325 -34.02 19.98 -16.67
N ALA A 326 -33.62 20.95 -17.50
CA ALA A 326 -33.38 20.71 -18.90
C ALA A 326 -32.06 19.94 -19.08
N PRO A 327 -30.90 20.60 -18.86
CA PRO A 327 -29.62 19.91 -18.93
C PRO A 327 -29.61 18.59 -18.16
N ILE A 328 -30.28 18.57 -17.00
CA ILE A 328 -30.43 17.37 -16.21
C ILE A 328 -31.10 16.30 -17.08
N ILE A 329 -32.02 16.74 -17.94
CA ILE A 329 -32.82 15.83 -18.73
C ILE A 329 -32.23 15.72 -20.13
N ASP A 330 -31.12 16.44 -20.36
CA ASP A 330 -30.35 16.32 -21.58
C ASP A 330 -29.33 15.20 -21.42
N MET A 331 -28.88 14.99 -20.18
CA MET A 331 -27.88 13.97 -19.88
C MET A 331 -28.55 12.60 -19.91
N ASN A 332 -29.72 12.51 -19.29
CA ASN A 332 -30.37 11.23 -19.03
C ASN A 332 -30.83 10.62 -20.35
N SER A 333 -31.37 11.48 -21.23
CA SER A 333 -31.81 11.07 -22.55
C SER A 333 -30.60 10.83 -23.44
N SER A 334 -29.62 11.74 -23.36
CA SER A 334 -28.41 11.65 -24.16
C SER A 334 -27.65 10.37 -23.81
N ARG A 335 -27.63 10.04 -22.52
CA ARG A 335 -26.91 8.87 -22.03
C ARG A 335 -27.42 7.63 -22.75
N ASN A 336 -28.75 7.44 -22.72
CA ASN A 336 -29.39 6.31 -23.35
C ASN A 336 -28.87 5.01 -22.70
N LEU A 342 -27.58 0.56 -26.73
CA LEU A 342 -26.21 0.29 -27.26
C LEU A 342 -25.28 -0.06 -26.10
N SER A 343 -23.98 0.16 -26.31
CA SER A 343 -23.00 0.05 -25.25
C SER A 343 -21.78 0.92 -25.57
N PRO A 344 -21.98 2.20 -25.92
CA PRO A 344 -20.86 3.13 -26.00
C PRO A 344 -20.93 4.23 -24.93
N LEU A 345 -19.87 5.03 -24.84
CA LEU A 345 -19.78 6.06 -23.83
C LEU A 345 -19.09 7.30 -24.42
N ASP A 346 -19.84 8.39 -24.52
CA ASP A 346 -19.37 9.59 -25.19
C ASP A 346 -18.31 10.28 -24.34
N SER A 347 -17.78 11.40 -24.84
CA SER A 347 -16.65 12.06 -24.22
C SER A 347 -17.07 13.45 -23.72
N ASP A 348 -18.05 14.04 -24.42
CA ASP A 348 -18.66 15.28 -23.98
C ASP A 348 -19.56 15.00 -22.78
N ALA A 349 -19.88 13.72 -22.57
CA ALA A 349 -20.65 13.29 -21.41
C ALA A 349 -19.82 13.50 -20.15
N VAL A 350 -18.50 13.39 -20.28
CA VAL A 350 -17.59 13.53 -19.17
C VAL A 350 -17.70 14.96 -18.63
N LYS A 351 -18.05 15.90 -19.52
CA LYS A 351 -18.35 17.26 -19.12
C LYS A 351 -19.81 17.34 -18.66
N GLN A 352 -20.70 16.72 -19.45
CA GLN A 352 -22.14 16.80 -19.21
C GLN A 352 -22.43 16.26 -17.81
N LEU A 353 -21.59 15.34 -17.34
CA LEU A 353 -21.66 14.84 -15.97
C LEU A 353 -21.39 15.99 -15.01
N GLY A 354 -20.22 16.62 -15.16
CA GLY A 354 -19.86 17.79 -14.37
C GLY A 354 -20.96 18.84 -14.38
N ILE A 355 -21.35 19.27 -15.59
CA ILE A 355 -22.33 20.32 -15.75
C ILE A 355 -23.67 19.87 -15.18
N ALA A 356 -23.84 18.53 -15.10
CA ALA A 356 -25.04 17.94 -14.54
C ALA A 356 -25.04 18.12 -13.03
N MET A 357 -23.83 18.09 -12.44
CA MET A 357 -23.69 18.00 -10.99
C MET A 357 -24.03 19.34 -10.37
N LYS A 358 -23.56 20.42 -10.98
CA LYS A 358 -23.82 21.77 -10.50
C LYS A 358 -25.32 22.04 -10.56
N THR A 359 -25.98 21.48 -11.58
CA THR A 359 -27.40 21.69 -11.78
C THR A 359 -28.18 20.77 -10.87
N LEU A 360 -27.46 19.82 -10.23
CA LEU A 360 -28.09 18.86 -9.34
C LEU A 360 -27.82 19.27 -7.89
N LYS A 361 -26.61 19.74 -7.62
CA LYS A 361 -26.29 20.39 -6.37
C LYS A 361 -27.14 21.65 -6.22
N THR A 362 -26.95 22.59 -7.15
CA THR A 362 -27.71 23.83 -7.15
C THR A 362 -29.20 23.51 -7.12
N LEU A 363 -29.58 22.43 -7.80
CA LEU A 363 -30.98 22.05 -7.93
C LEU A 363 -31.57 21.80 -6.55
N VAL A 364 -30.79 21.13 -5.70
CA VAL A 364 -31.30 20.59 -4.45
C VAL A 364 -31.33 21.71 -3.41
N ARG A 365 -30.35 22.60 -3.50
CA ARG A 365 -30.22 23.69 -2.54
C ARG A 365 -31.51 24.50 -2.52
N GLU A 366 -32.13 24.64 -3.71
CA GLU A 366 -33.35 25.41 -3.85
C GLU A 366 -34.51 24.64 -3.23
N GLN A 367 -34.75 23.43 -3.74
CA GLN A 367 -35.93 22.65 -3.39
C GLN A 367 -35.85 22.28 -1.91
N TYR A 368 -34.63 22.02 -1.43
CA TYR A 368 -34.37 21.88 -0.01
C TYR A 368 -33.22 22.81 0.38
N HIS A 369 -33.39 23.51 1.51
CA HIS A 369 -32.38 24.42 2.01
C HIS A 369 -31.48 23.67 3.01
N PHE A 370 -30.53 22.92 2.46
CA PHE A 370 -29.50 22.29 3.27
C PHE A 370 -28.48 23.33 3.71
N SER A 371 -27.20 22.95 3.70
CA SER A 371 -26.13 23.82 4.13
C SER A 371 -24.80 23.32 3.61
N GLN A 372 -23.85 24.25 3.42
CA GLN A 372 -22.47 23.90 3.13
C GLN A 372 -21.81 23.31 4.38
N SER A 373 -22.36 23.67 5.54
CA SER A 373 -21.99 23.04 6.80
C SER A 373 -22.43 21.58 6.78
N ASP A 374 -23.51 21.30 6.05
CA ASP A 374 -24.06 19.96 5.96
C ASP A 374 -23.81 19.40 4.56
N PHE A 375 -22.92 20.07 3.82
CA PHE A 375 -22.44 19.56 2.55
C PHE A 375 -20.96 19.18 2.69
N ASN A 376 -20.51 19.01 3.93
CA ASN A 376 -19.13 18.67 4.21
C ASN A 376 -19.08 17.32 4.93
N PHE A 377 -20.22 16.61 4.90
CA PHE A 377 -20.40 15.42 5.72
C PHE A 377 -19.13 14.58 5.69
N TYR A 378 -18.62 14.34 4.47
CA TYR A 378 -17.54 13.39 4.25
C TYR A 378 -16.20 14.11 4.38
N GLN A 379 -16.19 15.38 3.97
CA GLN A 379 -15.05 16.26 4.19
C GLN A 379 -14.69 16.25 5.68
N ASP A 380 -15.70 16.53 6.52
CA ASP A 380 -15.58 16.31 7.95
C ASP A 380 -15.06 14.89 8.19
N LEU A 381 -15.82 13.89 7.71
CA LEU A 381 -15.49 12.50 7.93
C LEU A 381 -14.01 12.29 7.64
N ASN A 382 -13.54 12.88 6.54
CA ASN A 382 -12.17 12.70 6.08
C ASN A 382 -11.23 13.46 7.02
N LYS A 383 -11.70 14.60 7.51
CA LYS A 383 -10.87 15.54 8.26
C LYS A 383 -10.73 15.05 9.70
N ILE A 384 -11.85 14.62 10.28
CA ILE A 384 -11.83 13.86 11.52
C ILE A 384 -11.03 12.58 11.31
N LEU A 385 -11.25 11.93 10.16
CA LEU A 385 -10.64 10.65 9.87
C LEU A 385 -9.14 10.82 9.73
N LEU A 386 -8.72 11.60 8.73
CA LEU A 386 -7.32 11.75 8.39
C LEU A 386 -6.54 12.09 9.67
N THR A 387 -7.07 13.05 10.44
CA THR A 387 -6.35 13.62 11.57
C THR A 387 -6.38 12.62 12.73
N LYS A 388 -7.38 11.73 12.71
CA LYS A 388 -7.44 10.62 13.65
C LYS A 388 -6.36 9.60 13.30
N LEU A 389 -6.05 9.50 12.00
CA LEU A 389 -4.93 8.69 11.54
C LEU A 389 -3.63 9.35 11.95
N ASN A 390 -3.35 10.52 11.37
CA ASN A 390 -2.14 11.26 11.66
C ASN A 390 -0.93 10.32 11.54
N MET B 5 19.72 11.99 -11.33
CA MET B 5 21.18 11.71 -11.48
C MET B 5 21.63 10.72 -10.40
N GLY B 6 22.61 9.89 -10.75
CA GLY B 6 23.20 8.96 -9.80
C GLY B 6 24.16 9.65 -8.84
N VAL B 7 23.72 9.82 -7.59
CA VAL B 7 24.45 10.61 -6.62
C VAL B 7 24.58 9.82 -5.32
N LEU B 8 25.82 9.42 -5.01
CA LEU B 8 26.08 8.56 -3.87
C LEU B 8 26.34 9.44 -2.65
N ILE B 9 25.62 9.15 -1.56
CA ILE B 9 25.82 9.83 -0.29
C ILE B 9 26.81 9.02 0.54
N SER B 10 28.11 9.31 0.34
CA SER B 10 29.17 8.46 0.86
C SER B 10 29.81 9.12 2.08
N ALA B 11 30.15 8.30 3.08
CA ALA B 11 30.87 8.76 4.26
C ALA B 11 32.32 9.06 3.89
N VAL B 12 33.01 9.76 4.79
CA VAL B 12 34.37 10.21 4.54
C VAL B 12 35.30 9.59 5.57
N GLY B 13 35.46 8.27 5.50
CA GLY B 13 36.03 7.49 6.59
C GLY B 13 37.56 7.60 6.61
N ASP B 14 38.18 6.90 7.56
CA ASP B 14 39.61 7.00 7.80
C ASP B 14 40.35 6.28 6.69
N THR B 15 39.79 5.14 6.25
CA THR B 15 40.43 4.30 5.26
C THR B 15 40.17 4.87 3.87
N ASP B 16 39.84 6.16 3.81
CA ASP B 16 39.56 6.84 2.56
C ASP B 16 40.57 6.39 1.51
N PRO B 17 40.21 6.46 0.21
CA PRO B 17 41.18 6.12 -0.84
C PRO B 17 42.46 5.49 -0.30
N PHE B 18 43.37 6.34 0.20
CA PHE B 18 44.65 5.88 0.73
C PHE B 18 44.40 4.86 1.84
N ARG B 19 44.01 3.64 1.44
CA ARG B 19 43.57 2.63 2.38
C ARG B 19 44.30 1.32 2.10
N ASN B 20 45.43 1.42 1.37
CA ASN B 20 46.28 0.28 1.12
C ASN B 20 46.67 0.26 -0.36
N PHE B 21 46.77 -0.95 -0.92
CA PHE B 21 47.07 -1.12 -2.33
C PHE B 21 45.88 -0.61 -3.17
N HIS B 22 44.73 -1.27 -3.00
CA HIS B 22 43.57 -1.00 -3.84
C HIS B 22 43.00 0.37 -3.50
N ASP B 23 41.93 0.76 -4.21
CA ASP B 23 41.27 2.01 -3.96
C ASP B 23 40.40 1.89 -2.71
N GLY B 24 40.08 3.05 -2.11
CA GLY B 24 39.50 3.09 -0.78
C GLY B 24 38.00 3.36 -0.84
N ALA B 25 37.25 2.68 0.03
CA ALA B 25 35.81 2.55 -0.12
C ALA B 25 35.28 3.72 -0.93
N LEU B 26 35.24 4.90 -0.30
CA LEU B 26 34.64 6.08 -0.90
C LEU B 26 34.95 6.11 -2.39
N ILE B 27 36.24 6.32 -2.71
CA ILE B 27 36.68 6.49 -4.08
C ILE B 27 36.34 5.23 -4.87
N HIS B 28 36.50 4.07 -4.22
CA HIS B 28 36.21 2.79 -4.83
C HIS B 28 34.75 2.77 -5.29
N ILE B 29 33.84 2.82 -4.31
CA ILE B 29 32.41 2.76 -4.59
C ILE B 29 32.08 3.80 -5.65
N ALA B 30 32.64 5.00 -5.49
CA ALA B 30 32.31 6.13 -6.34
C ALA B 30 32.57 5.78 -7.80
N ARG B 31 33.77 5.26 -8.07
CA ARG B 31 34.19 4.91 -9.42
C ARG B 31 33.20 3.89 -9.98
N LYS B 32 32.95 2.82 -9.22
CA LYS B 32 32.24 1.67 -9.71
C LYS B 32 30.93 2.11 -10.35
N TYR B 33 30.16 2.91 -9.60
CA TYR B 33 28.83 3.32 -10.01
C TYR B 33 28.85 4.78 -10.45
N ARG B 34 30.05 5.26 -10.79
CA ARG B 34 30.20 6.56 -11.44
C ARG B 34 28.95 7.39 -11.20
N PRO B 35 28.91 8.19 -10.10
CA PRO B 35 27.78 9.07 -9.82
C PRO B 35 27.99 10.47 -10.40
N GLU B 36 26.93 11.28 -10.35
CA GLU B 36 26.99 12.65 -10.84
C GLU B 36 27.11 13.61 -9.65
N LYS B 37 26.71 13.13 -8.47
CA LYS B 37 26.69 13.96 -7.27
C LYS B 37 27.36 13.20 -6.13
N VAL B 38 28.63 13.53 -5.88
CA VAL B 38 29.46 12.76 -4.97
C VAL B 38 29.25 13.28 -3.55
N ILE B 39 28.07 13.00 -2.99
CA ILE B 39 27.68 13.55 -1.70
C ILE B 39 28.59 12.97 -0.63
N LEU B 40 29.12 13.86 0.22
CA LEU B 40 30.07 13.46 1.25
C LEU B 40 29.82 14.29 2.51
N ILE B 41 29.48 13.61 3.61
CA ILE B 41 29.33 14.25 4.90
C ILE B 41 30.52 13.86 5.78
N PHE B 42 31.44 14.81 5.96
CA PHE B 42 32.74 14.52 6.54
C PHE B 42 32.78 15.02 7.98
N SER B 43 33.31 14.19 8.88
CA SER B 43 33.30 14.47 10.30
C SER B 43 34.63 15.06 10.73
N GLU B 44 34.84 15.15 12.05
CA GLU B 44 35.90 15.96 12.62
C GLU B 44 37.25 15.38 12.19
N HIS B 45 37.43 14.08 12.43
CA HIS B 45 38.65 13.39 12.05
C HIS B 45 38.88 13.54 10.55
N THR B 46 37.85 13.21 9.76
CA THR B 46 38.00 13.06 8.33
C THR B 46 38.10 14.44 7.68
N ALA B 47 37.96 15.48 8.50
CA ALA B 47 38.02 16.85 8.03
C ALA B 47 39.39 17.11 7.41
N LYS B 48 40.39 16.32 7.82
CA LYS B 48 41.75 16.50 7.39
C LYS B 48 41.86 16.16 5.91
N LYS B 49 41.27 15.02 5.53
CA LYS B 49 41.47 14.44 4.21
C LYS B 49 40.45 15.01 3.25
N GLN B 50 39.99 16.24 3.52
CA GLN B 50 38.93 16.86 2.75
C GLN B 50 39.42 17.12 1.34
N GLY B 51 40.66 17.63 1.23
CA GLY B 51 41.26 17.95 -0.05
C GLY B 51 41.63 16.70 -0.84
N ASN B 52 42.39 15.81 -0.19
CA ASN B 52 42.84 14.58 -0.82
C ASN B 52 41.66 13.91 -1.51
N ILE B 53 40.55 13.77 -0.78
CA ILE B 53 39.38 13.04 -1.26
C ILE B 53 38.92 13.68 -2.56
N GLU B 54 39.22 14.98 -2.72
CA GLU B 54 38.89 15.69 -3.94
C GLU B 54 39.84 15.27 -5.05
N LYS B 55 41.13 15.17 -4.71
CA LYS B 55 42.15 14.79 -5.66
C LYS B 55 41.81 13.42 -6.24
N ALA B 56 41.70 12.43 -5.36
CA ALA B 56 41.55 11.04 -5.77
C ALA B 56 40.30 10.90 -6.63
N LEU B 57 39.15 11.25 -6.04
CA LEU B 57 37.89 11.29 -6.76
C LEU B 57 38.15 11.72 -8.21
N PHE B 58 38.53 12.98 -8.38
CA PHE B 58 38.66 13.57 -9.71
C PHE B 58 39.77 12.84 -10.48
N SER B 59 40.79 12.38 -9.74
CA SER B 59 41.97 11.82 -10.34
C SER B 59 41.78 10.32 -10.61
N ILE B 60 40.56 9.85 -10.35
CA ILE B 60 40.20 8.46 -10.61
C ILE B 60 40.20 8.23 -12.12
N ALA B 61 39.51 9.12 -12.84
CA ALA B 61 39.59 9.16 -14.29
C ALA B 61 38.94 10.43 -14.81
N PRO B 62 39.53 11.07 -15.85
CA PRO B 62 38.95 12.29 -16.42
C PRO B 62 37.55 12.07 -17.00
N ASN B 63 37.07 13.07 -17.74
CA ASN B 63 35.78 12.99 -18.41
C ASN B 63 34.81 12.22 -17.53
N TYR B 64 34.82 12.53 -16.23
CA TYR B 64 33.93 11.90 -15.27
C TYR B 64 34.18 12.48 -13.88
N GLU B 65 34.35 13.81 -13.82
CA GLU B 65 34.56 14.50 -12.56
C GLU B 65 33.25 15.14 -12.11
N PRO B 66 32.52 14.51 -11.17
CA PRO B 66 31.23 15.05 -10.71
C PRO B 66 31.40 16.21 -9.75
N GLU B 67 30.36 17.04 -9.65
CA GLU B 67 30.32 18.12 -8.67
C GLU B 67 30.03 17.52 -7.29
N LEU B 68 31.05 17.56 -6.42
CA LEU B 68 30.93 17.01 -5.09
C LEU B 68 30.36 18.05 -4.14
N ILE B 69 29.53 17.60 -3.20
CA ILE B 69 28.92 18.48 -2.21
C ILE B 69 29.59 18.25 -0.86
N ILE B 70 30.41 19.23 -0.45
CA ILE B 70 30.88 19.29 0.93
C ILE B 70 29.69 19.46 1.86
N HIS B 71 29.56 18.53 2.81
CA HIS B 71 28.38 18.46 3.67
C HIS B 71 28.21 19.79 4.40
N ASP B 72 26.94 20.21 4.56
CA ASP B 72 26.63 21.55 5.00
C ASP B 72 27.13 21.74 6.43
N PRO B 73 26.87 20.76 7.33
CA PRO B 73 27.40 20.85 8.70
C PRO B 73 28.57 19.89 8.93
N ILE B 74 29.64 20.42 9.54
CA ILE B 74 30.74 19.59 9.99
C ILE B 74 30.22 18.56 10.98
N ILE B 75 30.73 17.33 10.88
CA ILE B 75 30.38 16.27 11.81
C ILE B 75 31.21 16.44 13.08
N SER B 76 30.58 16.14 14.23
CA SER B 76 31.21 16.35 15.52
C SER B 76 31.72 15.02 16.07
N ASP B 77 32.90 15.06 16.71
CA ASP B 77 33.64 13.87 17.05
C ASP B 77 33.00 13.21 18.27
N ASN B 78 31.96 13.84 18.79
CA ASN B 78 31.20 13.29 19.90
C ASN B 78 30.19 12.27 19.37
N GLU B 79 29.96 12.33 18.05
CA GLU B 79 29.01 11.43 17.41
C GLU B 79 29.77 10.45 16.52
N VAL B 80 31.09 10.39 16.72
CA VAL B 80 31.93 9.41 16.04
C VAL B 80 31.34 8.02 16.25
N HIS B 81 31.54 7.47 17.46
CA HIS B 81 31.04 6.16 17.80
C HIS B 81 29.53 6.24 18.02
N ILE B 82 28.99 7.46 17.90
CA ILE B 82 27.58 7.71 18.18
C ILE B 82 26.74 6.64 17.49
N PHE B 83 26.02 5.85 18.29
CA PHE B 83 25.09 4.87 17.77
C PHE B 83 23.93 5.60 17.10
N ASP B 84 22.75 5.53 17.73
CA ASP B 84 21.52 6.06 17.14
C ASP B 84 21.76 7.47 16.64
N VAL B 85 22.62 8.21 17.37
CA VAL B 85 22.88 9.60 17.06
C VAL B 85 23.08 9.74 15.55
N MET B 86 23.96 8.90 15.01
CA MET B 86 24.33 8.98 13.60
C MET B 86 23.13 8.60 12.75
N PHE B 87 22.32 7.67 13.25
CA PHE B 87 21.09 7.26 12.59
C PHE B 87 20.25 8.50 12.29
N GLN B 88 20.02 9.32 13.31
CA GLN B 88 19.45 10.64 13.14
C GLN B 88 20.26 11.41 12.10
N ARG B 89 21.55 11.62 12.41
CA ARG B 89 22.42 12.41 11.56
C ARG B 89 22.25 11.97 10.11
N PHE B 90 22.14 10.65 9.91
CA PHE B 90 21.81 10.10 8.61
C PHE B 90 20.40 10.50 8.23
N SER B 91 19.44 10.21 9.12
CA SER B 91 18.03 10.36 8.81
C SER B 91 17.79 11.70 8.13
N ASP B 92 18.43 12.74 8.65
CA ASP B 92 18.26 14.09 8.13
C ASP B 92 18.98 14.21 6.79
N ILE B 93 20.20 13.67 6.73
CA ILE B 93 21.05 13.80 5.55
C ILE B 93 20.27 13.32 4.33
N LEU B 94 19.66 12.13 4.46
CA LEU B 94 18.87 11.55 3.39
C LEU B 94 17.69 12.46 3.07
N GLN B 95 17.05 12.97 4.13
CA GLN B 95 15.85 13.78 3.99
C GLN B 95 16.19 15.09 3.29
N GLU B 96 17.45 15.50 3.43
CA GLU B 96 17.92 16.76 2.87
C GLU B 96 17.81 16.71 1.34
N TYR B 97 18.16 15.56 0.77
CA TYR B 97 18.11 15.36 -0.67
C TYR B 97 17.28 14.12 -0.99
N TYR B 98 15.96 14.28 -0.99
CA TYR B 98 15.04 13.21 -1.31
C TYR B 98 15.22 12.80 -2.76
N THR B 99 15.26 13.80 -3.65
CA THR B 99 15.65 13.59 -5.03
C THR B 99 15.10 12.25 -5.53
N LYS B 100 13.76 12.14 -5.49
CA LYS B 100 13.08 10.93 -5.94
C LYS B 100 13.33 10.76 -7.45
N GLU B 101 13.65 11.87 -8.12
CA GLU B 101 14.07 11.83 -9.51
C GLU B 101 15.30 10.95 -9.65
N ASP B 102 16.30 11.18 -8.79
CA ASP B 102 17.60 10.58 -8.93
C ASP B 102 17.64 9.27 -8.14
N GLU B 103 18.85 8.74 -7.95
CA GLU B 103 19.05 7.57 -7.10
C GLU B 103 20.35 7.75 -6.31
N PHE B 104 20.49 6.97 -5.24
CA PHE B 104 21.55 7.18 -4.27
C PHE B 104 22.14 5.82 -3.87
N ILE B 105 23.46 5.82 -3.60
CA ILE B 105 24.10 4.71 -2.94
C ILE B 105 24.59 5.16 -1.57
N LEU B 106 24.24 4.38 -0.54
CA LEU B 106 24.74 4.62 0.81
C LEU B 106 26.03 3.81 1.01
N ASN B 107 27.17 4.47 0.84
CA ASN B 107 28.47 3.82 0.98
C ASN B 107 28.53 3.13 2.33
N LEU B 108 28.48 1.79 2.32
CA LEU B 108 28.60 0.99 3.52
C LEU B 108 29.86 1.40 4.28
N SER B 109 30.98 1.51 3.54
CA SER B 109 32.22 2.01 4.10
C SER B 109 32.21 3.54 4.07
N SER B 110 32.60 4.16 5.19
CA SER B 110 32.19 5.50 5.53
C SER B 110 33.09 6.07 6.63
N ALA B 111 33.33 5.25 7.67
CA ALA B 111 33.94 5.72 8.89
C ALA B 111 33.36 4.96 10.08
N THR B 112 33.32 5.62 11.24
CA THR B 112 32.94 4.98 12.48
C THR B 112 31.84 3.95 12.21
N PRO B 113 31.88 2.79 12.89
CA PRO B 113 30.99 1.67 12.54
C PRO B 113 29.53 1.99 12.83
N GLN B 114 29.29 2.81 13.86
CA GLN B 114 27.96 3.25 14.20
C GLN B 114 27.35 4.00 13.01
N ILE B 115 28.12 4.95 12.46
CA ILE B 115 27.70 5.69 11.29
C ILE B 115 27.42 4.71 10.16
N LYS B 116 28.31 3.72 10.01
CA LYS B 116 28.08 2.60 9.11
C LYS B 116 26.68 2.04 9.35
N SER B 117 26.48 1.46 10.54
CA SER B 117 25.21 0.84 10.89
C SER B 117 24.07 1.75 10.45
N ALA B 118 24.10 3.01 10.90
CA ALA B 118 23.05 3.96 10.59
C ALA B 118 22.83 4.02 9.08
N LEU B 119 23.93 4.21 8.34
CA LEU B 119 23.88 4.27 6.89
C LEU B 119 23.05 3.10 6.36
N PHE B 120 23.31 1.91 6.92
CA PHE B 120 22.50 0.73 6.63
C PHE B 120 21.06 0.99 7.07
N VAL B 121 20.89 1.28 8.37
CA VAL B 121 19.57 1.50 8.94
C VAL B 121 18.80 2.43 8.01
N ILE B 122 19.42 3.54 7.65
CA ILE B 122 18.80 4.53 6.77
C ILE B 122 18.25 3.81 5.55
N ASN B 123 19.08 2.93 4.97
CA ASN B 123 18.86 2.42 3.62
C ASN B 123 17.80 1.34 3.65
N ARG B 124 17.89 0.45 4.65
CA ARG B 124 16.95 -0.65 4.80
C ARG B 124 15.55 -0.09 5.03
N LEU B 125 15.45 0.87 5.95
CA LEU B 125 14.18 1.25 6.54
C LEU B 125 13.31 1.90 5.47
N ASN B 126 13.95 2.60 4.54
CA ASN B 126 13.26 3.20 3.40
C ASN B 126 13.88 4.56 3.10
N ASN B 129 14.37 3.48 -3.08
CA ASN B 129 14.68 4.54 -4.08
C ASN B 129 16.19 4.70 -4.19
N VAL B 130 16.86 4.79 -3.04
CA VAL B 130 18.31 4.83 -3.00
C VAL B 130 18.81 3.51 -2.42
N LYS B 131 19.99 3.08 -2.89
CA LYS B 131 20.58 1.82 -2.46
C LYS B 131 21.94 2.10 -1.85
N ALA B 132 22.69 1.02 -1.56
CA ALA B 132 24.00 1.14 -0.94
C ALA B 132 24.66 -0.24 -0.89
N VAL B 133 25.98 -0.26 -1.11
CA VAL B 133 26.76 -1.48 -0.97
C VAL B 133 28.18 -1.11 -0.53
N GLN B 134 28.69 -1.86 0.45
CA GLN B 134 30.05 -1.65 0.93
C GLN B 134 31.02 -2.39 0.02
N VAL B 135 32.32 -2.13 0.22
CA VAL B 135 33.36 -2.68 -0.64
C VAL B 135 34.30 -3.53 0.22
N SER B 136 34.34 -4.84 -0.08
CA SER B 136 35.00 -5.80 0.77
C SER B 136 36.51 -5.58 0.74
N SER B 137 37.19 -5.95 1.83
CA SER B 137 38.58 -5.61 2.03
C SER B 137 39.44 -6.35 1.02
N PRO B 138 40.78 -6.14 1.04
CA PRO B 138 41.68 -6.94 0.20
C PRO B 138 42.11 -8.24 0.88
N ASP B 151 49.35 10.31 5.77
CA ASP B 151 48.47 11.38 5.19
C ASP B 151 49.35 12.43 4.50
N GLU B 152 49.05 12.69 3.24
CA GLU B 152 49.71 13.74 2.48
C GLU B 152 50.50 13.11 1.33
N ASN B 153 50.17 11.85 1.02
CA ASN B 153 50.79 11.14 -0.10
C ASN B 153 50.43 11.84 -1.40
N ILE B 154 49.12 12.03 -1.62
CA ILE B 154 48.63 12.89 -2.68
C ILE B 154 48.92 12.22 -4.02
N ASP B 155 49.80 12.82 -4.82
CA ASP B 155 50.20 12.28 -6.10
C ASP B 155 50.81 10.90 -5.89
N GLU B 156 51.67 10.79 -4.86
CA GLU B 156 52.34 9.54 -4.55
C GLU B 156 51.31 8.42 -4.48
N LEU B 157 50.17 8.71 -3.84
CA LEU B 157 49.11 7.73 -3.65
C LEU B 157 48.47 7.43 -5.00
N ILE B 158 48.14 8.50 -5.74
CA ILE B 158 47.22 8.39 -6.87
C ILE B 158 47.89 7.57 -7.96
N GLU B 159 49.13 7.93 -8.30
CA GLU B 159 49.79 7.40 -9.48
C GLU B 159 49.97 5.89 -9.32
N VAL B 160 50.49 5.48 -8.16
CA VAL B 160 50.85 4.09 -7.92
C VAL B 160 49.63 3.36 -7.35
N ASN B 161 48.44 3.84 -7.72
CA ASN B 161 47.20 3.28 -7.21
C ASN B 161 47.06 1.84 -7.71
N LYS B 162 46.53 0.98 -6.84
CA LYS B 162 46.56 -0.46 -7.07
C LYS B 162 45.38 -0.86 -7.94
N ASP B 163 44.37 0.02 -8.00
CA ASP B 163 43.22 -0.16 -8.87
C ASP B 163 42.99 1.11 -9.68
N ASN B 164 44.07 1.86 -9.90
CA ASN B 164 43.98 3.20 -10.46
C ASN B 164 44.04 3.12 -11.98
N LYS B 165 43.44 2.05 -12.53
CA LYS B 165 43.48 1.81 -13.97
C LYS B 165 42.17 1.14 -14.40
N VAL B 166 41.74 1.42 -15.62
CA VAL B 166 40.36 1.23 -16.02
C VAL B 166 39.94 -0.18 -15.65
N ASN B 167 40.85 -1.14 -15.84
CA ASN B 167 40.59 -2.53 -15.50
C ASN B 167 40.96 -2.77 -14.03
N PHE B 168 39.93 -3.05 -13.22
CA PHE B 168 40.13 -3.28 -11.80
C PHE B 168 39.01 -4.18 -11.27
N ILE B 169 39.31 -4.90 -10.18
CA ILE B 169 38.41 -5.92 -9.67
C ILE B 169 37.40 -5.27 -8.75
N ASP B 170 36.11 -5.45 -9.08
CA ASP B 170 35.05 -4.63 -8.52
C ASP B 170 34.46 -5.31 -7.29
N ARG B 171 35.31 -5.45 -6.25
CA ARG B 171 34.92 -6.16 -5.04
C ARG B 171 33.82 -5.38 -4.33
N THR B 172 33.63 -4.13 -4.74
CA THR B 172 32.52 -3.32 -4.28
C THR B 172 31.21 -3.96 -4.75
N ILE B 173 30.68 -4.88 -3.93
CA ILE B 173 29.53 -5.67 -4.31
C ILE B 173 28.47 -5.54 -3.20
N GLU B 174 27.29 -5.05 -3.58
CA GLU B 174 26.28 -4.66 -2.60
C GLU B 174 25.14 -5.67 -2.64
N ASP B 175 24.41 -5.78 -1.51
CA ASP B 175 23.32 -6.72 -1.39
C ASP B 175 22.07 -6.11 -2.00
N ASN B 176 21.03 -6.95 -2.18
CA ASN B 176 19.79 -6.52 -2.79
C ASN B 176 18.65 -7.44 -2.32
N PHE B 180 11.36 -5.37 0.29
CA PHE B 180 11.14 -4.83 1.66
C PHE B 180 9.84 -4.03 1.69
N SER B 181 9.98 -2.71 1.83
CA SER B 181 8.85 -1.80 1.75
C SER B 181 8.12 -2.00 0.43
N GLN B 182 8.88 -1.95 -0.67
CA GLN B 182 8.31 -2.09 -2.01
C GLN B 182 7.64 -3.46 -2.12
N ALA B 183 8.34 -4.49 -1.66
CA ALA B 183 7.79 -5.84 -1.63
C ALA B 183 6.46 -5.84 -0.88
N LEU B 184 6.46 -5.22 0.31
CA LEU B 184 5.27 -5.17 1.14
C LEU B 184 4.14 -4.48 0.39
N LEU B 185 4.44 -3.27 -0.11
CA LEU B 185 3.49 -2.51 -0.92
C LEU B 185 2.96 -3.41 -2.03
N LYS B 186 3.87 -4.15 -2.66
CA LYS B 186 3.51 -5.01 -3.79
C LYS B 186 2.38 -5.95 -3.38
N LYS B 187 2.66 -6.78 -2.36
CA LYS B 187 1.67 -7.73 -1.85
C LYS B 187 0.40 -6.98 -1.48
N THR B 188 0.57 -5.82 -0.81
CA THR B 188 -0.55 -4.98 -0.44
C THR B 188 -1.41 -4.69 -1.66
N ALA B 189 -0.75 -4.48 -2.80
CA ALA B 189 -1.42 -4.05 -4.02
C ALA B 189 -1.88 -5.28 -4.80
N ARG B 190 -1.19 -6.41 -4.59
CA ARG B 190 -1.61 -7.70 -5.11
C ARG B 190 -3.07 -7.94 -4.71
N ASP B 191 -3.31 -8.06 -3.41
CA ASP B 191 -4.57 -8.54 -2.89
C ASP B 191 -5.71 -7.79 -3.59
N PHE B 192 -5.48 -6.50 -3.89
CA PHE B 192 -6.49 -5.67 -4.50
C PHE B 192 -6.88 -6.24 -5.85
N ILE B 193 -5.86 -6.61 -6.64
CA ILE B 193 -6.07 -7.26 -7.92
C ILE B 193 -6.75 -8.61 -7.69
N GLU B 194 -6.41 -9.24 -6.56
CA GLU B 194 -6.90 -10.56 -6.24
C GLU B 194 -8.30 -10.45 -5.62
N LYS B 195 -8.65 -9.23 -5.21
CA LYS B 195 -9.99 -8.94 -4.74
C LYS B 195 -10.84 -8.40 -5.90
N PHE B 196 -10.15 -8.06 -7.00
CA PHE B 196 -10.82 -7.59 -8.20
C PHE B 196 -11.07 -6.08 -8.09
N ASP B 197 -10.22 -5.41 -7.29
CA ASP B 197 -10.29 -3.97 -7.14
C ASP B 197 -9.20 -3.32 -7.99
N TYR B 198 -9.58 -2.90 -9.20
CA TYR B 198 -8.63 -2.42 -10.18
C TYR B 198 -8.10 -1.05 -9.76
N LYS B 199 -9.01 -0.22 -9.24
CA LYS B 199 -8.66 1.13 -8.82
C LYS B 199 -7.57 1.06 -7.75
N ALA B 200 -7.87 0.34 -6.66
CA ALA B 200 -6.85 -0.01 -5.67
C ALA B 200 -5.57 -0.41 -6.38
N ALA B 201 -5.54 -1.64 -6.90
CA ALA B 201 -4.36 -2.19 -7.53
C ALA B 201 -3.64 -1.09 -8.30
N LEU B 202 -4.37 -0.42 -9.19
CA LEU B 202 -3.85 0.73 -9.92
C LEU B 202 -3.03 1.59 -8.96
N ASP B 203 -3.71 2.15 -7.95
CA ASP B 203 -3.10 3.12 -7.07
C ASP B 203 -1.77 2.59 -6.57
N ILE B 204 -1.81 1.43 -5.90
CA ILE B 204 -0.66 0.89 -5.19
C ILE B 204 0.45 0.62 -6.22
N LEU B 205 0.05 0.27 -7.44
CA LEU B 205 0.97 0.19 -8.56
C LEU B 205 1.50 1.58 -8.87
N ASP B 206 0.57 2.50 -9.15
CA ASP B 206 0.93 3.82 -9.65
C ASP B 206 2.14 4.34 -8.89
N GLN B 207 2.07 4.27 -7.56
CA GLN B 207 3.13 4.79 -6.71
C GLN B 207 4.35 3.87 -6.83
N LEU B 208 4.10 2.57 -7.01
CA LEU B 208 5.16 1.57 -7.03
C LEU B 208 6.25 2.02 -8.01
N SER B 209 7.42 1.42 -7.88
CA SER B 209 8.57 1.78 -8.70
C SER B 209 8.65 0.88 -9.93
N ASP B 210 9.76 0.99 -10.67
CA ASP B 210 9.95 0.21 -11.87
C ASP B 210 10.28 -1.23 -11.49
N PHE B 211 9.79 -2.17 -12.29
CA PHE B 211 10.16 -3.57 -12.16
C PHE B 211 9.98 -4.27 -13.51
N PRO B 212 10.24 -5.60 -13.58
CA PRO B 212 10.22 -6.31 -14.86
C PRO B 212 8.79 -6.55 -15.35
N ASN B 213 7.95 -7.09 -14.47
CA ASN B 213 6.54 -7.32 -14.77
C ASN B 213 5.80 -5.99 -14.71
N LEU B 214 6.45 -4.98 -14.12
CA LEU B 214 5.76 -3.80 -13.61
C LEU B 214 4.94 -3.18 -14.74
N LYS B 215 5.61 -2.91 -15.86
CA LYS B 215 4.96 -2.29 -17.02
C LYS B 215 3.65 -3.02 -17.31
N SER B 216 3.76 -4.33 -17.54
CA SER B 216 2.63 -5.12 -17.98
C SER B 216 1.52 -5.09 -16.93
N VAL B 217 1.91 -5.30 -15.67
CA VAL B 217 0.97 -5.38 -14.57
C VAL B 217 0.17 -4.08 -14.51
N ARG B 218 0.87 -2.96 -14.62
CA ARG B 218 0.24 -1.66 -14.73
C ARG B 218 -0.51 -1.57 -16.06
N GLU B 219 0.24 -1.67 -17.16
CA GLU B 219 -0.28 -1.36 -18.48
C GLU B 219 -1.68 -1.96 -18.62
N GLU B 220 -1.80 -3.24 -18.28
CA GLU B 220 -3.05 -3.96 -18.45
C GLU B 220 -4.08 -3.44 -17.45
N ILE B 221 -3.69 -3.38 -16.17
CA ILE B 221 -4.51 -2.78 -15.14
C ILE B 221 -5.13 -1.50 -15.68
N ARG B 222 -4.25 -0.59 -16.13
CA ARG B 222 -4.67 0.74 -16.55
C ARG B 222 -5.70 0.62 -17.67
N ASP B 223 -5.38 -0.22 -18.66
CA ASP B 223 -6.22 -0.38 -19.83
C ASP B 223 -7.59 -0.92 -19.42
N VAL B 224 -7.60 -1.70 -18.33
CA VAL B 224 -8.82 -2.35 -17.87
C VAL B 224 -9.67 -1.34 -17.11
N VAL B 225 -9.00 -0.53 -16.27
CA VAL B 225 -9.64 0.58 -15.60
C VAL B 225 -10.18 1.55 -16.65
N ASN B 226 -9.28 2.02 -17.52
CA ASN B 226 -9.65 2.89 -18.63
C ASN B 226 -10.78 2.25 -19.43
N CYS B 227 -10.65 0.95 -19.68
CA CYS B 227 -11.57 0.22 -20.53
C CYS B 227 -12.93 0.14 -19.83
N LEU B 228 -12.90 -0.07 -18.51
CA LEU B 228 -14.10 -0.18 -17.71
C LEU B 228 -14.72 1.20 -17.55
N SER B 229 -13.86 2.23 -17.58
CA SER B 229 -14.28 3.58 -17.26
C SER B 229 -15.36 4.04 -18.23
N LYS B 230 -14.94 4.47 -19.42
CA LYS B 230 -15.85 4.76 -20.51
C LYS B 230 -16.48 3.45 -21.00
N GLN B 231 -17.75 3.55 -21.43
CA GLN B 231 -18.46 2.40 -21.97
C GLN B 231 -17.75 1.92 -23.23
N ASP B 232 -16.65 1.18 -23.04
CA ASP B 232 -16.06 0.37 -24.08
C ASP B 232 -15.50 -0.91 -23.49
N VAL B 233 -14.85 -1.72 -24.33
CA VAL B 233 -14.51 -3.08 -23.97
C VAL B 233 -12.99 -3.20 -23.84
N PRO B 234 -12.48 -3.71 -22.70
CA PRO B 234 -11.03 -3.73 -22.45
C PRO B 234 -10.24 -4.21 -23.66
N LYS B 235 -8.97 -3.79 -23.73
CA LYS B 235 -8.07 -4.22 -24.79
C LYS B 235 -8.08 -5.74 -24.86
N GLY B 236 -7.82 -6.39 -23.72
CA GLY B 236 -7.84 -7.84 -23.63
C GLY B 236 -9.19 -8.41 -24.08
N LEU B 237 -10.26 -7.94 -23.45
CA LEU B 237 -11.59 -8.48 -23.67
C LEU B 237 -11.93 -8.40 -25.15
N ARG B 238 -11.31 -7.45 -25.84
CA ARG B 238 -11.39 -7.36 -27.29
C ARG B 238 -10.59 -8.51 -27.91
N HIS B 239 -11.27 -9.66 -28.09
CA HIS B 239 -10.69 -10.79 -28.79
C HIS B 239 -11.57 -11.15 -30.00
N LEU B 242 -15.54 -13.18 -30.87
CA LEU B 242 -16.96 -12.80 -31.05
C LEU B 242 -17.06 -11.64 -32.05
N LYS B 243 -18.28 -11.35 -32.50
CA LYS B 243 -18.52 -10.22 -33.37
C LYS B 243 -18.37 -8.93 -32.57
N GLU B 244 -18.63 -7.79 -33.24
CA GLU B 244 -18.44 -6.49 -32.64
C GLU B 244 -19.34 -6.36 -31.41
N GLU B 245 -20.64 -6.50 -31.63
CA GLU B 245 -21.64 -6.29 -30.58
C GLU B 245 -21.46 -7.38 -29.52
N GLU B 246 -21.24 -8.61 -29.97
CA GLU B 246 -21.13 -9.76 -29.09
C GLU B 246 -20.05 -9.48 -28.04
N GLN B 247 -18.96 -8.85 -28.48
CA GLN B 247 -17.96 -8.30 -27.57
C GLN B 247 -18.67 -7.46 -26.51
N LYS B 248 -19.58 -6.60 -26.96
CA LYS B 248 -20.26 -5.67 -26.08
C LYS B 248 -21.24 -6.44 -25.19
N ILE B 249 -22.21 -7.10 -25.84
CA ILE B 249 -23.23 -7.86 -25.13
C ILE B 249 -22.58 -8.62 -23.98
N LEU B 250 -21.35 -9.11 -24.23
CA LEU B 250 -20.66 -9.97 -23.29
C LEU B 250 -19.74 -9.13 -22.42
N SER B 251 -19.01 -8.20 -23.06
CA SER B 251 -18.00 -7.41 -22.38
C SER B 251 -18.67 -6.50 -21.35
N ALA B 252 -19.97 -6.28 -21.52
CA ALA B 252 -20.78 -5.60 -20.51
C ALA B 252 -21.03 -6.55 -19.34
N TYR B 253 -21.36 -7.80 -19.67
CA TYR B 253 -21.80 -8.76 -18.66
C TYR B 253 -20.77 -8.83 -17.54
N LEU B 254 -19.50 -9.02 -17.92
CA LEU B 254 -18.43 -9.24 -16.96
C LEU B 254 -18.25 -7.98 -16.11
N THR B 255 -18.58 -6.83 -16.69
CA THR B 255 -18.85 -5.63 -15.92
C THR B 255 -19.80 -5.96 -14.77
N ILE B 256 -20.96 -6.51 -15.12
CA ILE B 256 -22.00 -6.79 -14.15
C ILE B 256 -21.48 -7.82 -13.15
N GLU B 257 -20.67 -8.76 -13.64
CA GLU B 257 -20.16 -9.84 -12.83
C GLU B 257 -19.10 -9.30 -11.88
N LEU B 258 -18.20 -8.46 -12.42
CA LEU B 258 -17.19 -7.80 -11.62
C LEU B 258 -17.85 -6.98 -10.53
N GLN B 259 -18.92 -6.26 -10.91
CA GLN B 259 -19.72 -5.50 -9.96
C GLN B 259 -19.96 -6.34 -8.72
N ARG B 260 -20.78 -7.39 -8.89
CA ARG B 260 -21.26 -8.18 -7.76
C ARG B 260 -20.09 -8.50 -6.84
N GLU B 261 -18.89 -8.54 -7.41
CA GLU B 261 -17.72 -9.06 -6.72
C GLU B 261 -17.43 -8.19 -5.50
N ARG B 262 -17.57 -6.87 -5.67
CA ARG B 262 -17.03 -5.90 -4.74
C ARG B 262 -18.16 -5.11 -4.09
N GLY B 263 -19.35 -5.74 -4.04
CA GLY B 263 -20.46 -5.19 -3.30
C GLY B 263 -20.77 -3.75 -3.69
N ASN B 264 -21.16 -3.56 -4.96
CA ASN B 264 -21.72 -2.30 -5.41
C ASN B 264 -23.16 -2.53 -5.88
N VAL B 265 -23.92 -3.29 -5.09
CA VAL B 265 -25.12 -3.95 -5.57
C VAL B 265 -25.92 -2.97 -6.41
N SER B 266 -25.74 -1.67 -6.13
CA SER B 266 -26.58 -0.63 -6.69
C SER B 266 -26.42 -0.58 -8.20
N GLU B 267 -25.25 -1.03 -8.67
CA GLU B 267 -24.87 -0.85 -10.07
C GLU B 267 -25.51 -1.96 -10.91
N SER B 268 -25.80 -3.10 -10.26
CA SER B 268 -26.18 -4.31 -10.97
C SER B 268 -27.51 -4.09 -11.68
N PHE B 269 -28.45 -3.45 -10.97
CA PHE B 269 -29.85 -3.39 -11.41
C PHE B 269 -29.90 -2.79 -12.82
N ILE B 270 -29.15 -1.71 -13.02
CA ILE B 270 -29.25 -0.91 -14.24
C ILE B 270 -28.41 -1.59 -15.32
N ARG B 271 -27.35 -2.29 -14.89
CA ARG B 271 -26.53 -3.07 -15.79
C ARG B 271 -27.35 -4.26 -16.32
N ILE B 272 -27.85 -5.08 -15.39
CA ILE B 272 -28.72 -6.19 -15.74
C ILE B 272 -29.83 -5.68 -16.65
N LYS B 273 -30.54 -4.65 -16.20
CA LYS B 273 -31.68 -4.11 -16.92
C LYS B 273 -31.26 -3.76 -18.35
N ASN B 274 -30.21 -2.93 -18.46
CA ASN B 274 -29.68 -2.53 -19.75
C ASN B 274 -29.28 -3.79 -20.53
N LEU B 275 -28.86 -4.82 -19.80
CA LEU B 275 -28.34 -6.03 -20.41
C LEU B 275 -29.47 -6.76 -21.14
N THR B 276 -30.38 -7.35 -20.37
CA THR B 276 -31.50 -8.11 -20.91
C THR B 276 -32.00 -7.42 -22.18
N GLU B 277 -32.33 -6.13 -22.05
CA GLU B 277 -33.11 -5.43 -23.05
C GLU B 277 -32.23 -5.14 -24.26
N PHE B 278 -30.93 -4.95 -24.01
CA PHE B 278 -29.97 -4.74 -25.07
C PHE B 278 -29.85 -6.01 -25.92
N ILE B 279 -30.34 -7.12 -25.36
CA ILE B 279 -30.20 -8.42 -25.99
C ILE B 279 -31.58 -8.88 -26.50
N LEU B 280 -32.58 -8.81 -25.61
CA LEU B 280 -33.93 -9.18 -25.96
C LEU B 280 -34.40 -8.37 -27.17
N GLU B 281 -33.83 -7.17 -27.31
CA GLU B 281 -34.07 -6.33 -28.48
C GLU B 281 -33.19 -6.82 -29.64
N ASP B 282 -31.90 -7.03 -29.33
CA ASP B 282 -30.95 -7.49 -30.33
C ASP B 282 -31.17 -8.96 -30.61
N TYR B 283 -32.35 -9.46 -30.22
CA TYR B 283 -32.74 -10.83 -30.50
C TYR B 283 -33.98 -10.84 -31.38
N ILE B 284 -34.77 -9.75 -31.30
CA ILE B 284 -35.96 -9.60 -32.10
C ILE B 284 -35.66 -8.65 -33.26
N LYS B 285 -34.39 -8.29 -33.40
CA LYS B 285 -33.93 -7.47 -34.51
C LYS B 285 -33.98 -8.30 -35.79
N LYS B 286 -33.68 -9.60 -35.66
CA LYS B 286 -33.52 -10.48 -36.81
C LYS B 286 -34.66 -11.48 -36.83
N ARG B 287 -35.05 -11.96 -35.65
CA ARG B 287 -36.11 -12.94 -35.52
C ARG B 287 -37.46 -12.26 -35.77
N TYR B 288 -37.42 -11.13 -36.49
CA TYR B 288 -38.63 -10.44 -36.92
C TYR B 288 -38.53 -8.97 -36.54
N PRO B 289 -37.83 -8.13 -37.34
CA PRO B 289 -37.89 -6.69 -37.14
C PRO B 289 -39.31 -6.21 -36.80
N GLY B 290 -39.40 -5.41 -35.73
CA GLY B 290 -40.68 -4.90 -35.26
C GLY B 290 -40.57 -3.46 -34.76
N LEU B 291 -41.60 -2.66 -35.07
CA LEU B 291 -41.62 -1.26 -34.68
C LEU B 291 -42.73 -1.04 -33.67
N ILE B 292 -43.98 -1.29 -34.10
CA ILE B 292 -45.14 -1.11 -33.25
C ILE B 292 -44.98 0.18 -32.44
N TYR B 303 -37.23 5.43 -26.43
CA TYR B 303 -36.80 4.24 -25.64
C TYR B 303 -37.90 3.18 -25.70
N LEU B 304 -37.47 1.93 -25.88
CA LEU B 304 -38.39 0.79 -25.89
C LEU B 304 -38.31 0.07 -24.56
N SER B 305 -39.27 0.35 -23.67
CA SER B 305 -39.22 -0.12 -22.30
C SER B 305 -39.28 -1.64 -22.27
N LEU B 306 -38.72 -2.23 -21.20
CA LEU B 306 -38.67 -3.68 -21.06
C LEU B 306 -40.09 -4.23 -21.01
N PHE B 307 -41.03 -3.39 -20.54
CA PHE B 307 -42.43 -3.75 -20.50
C PHE B 307 -42.93 -4.00 -21.93
N ASP B 308 -42.29 -3.32 -22.89
CA ASP B 308 -42.64 -3.47 -24.29
C ASP B 308 -42.16 -4.84 -24.79
N TYR B 309 -40.94 -5.21 -24.37
CA TYR B 309 -40.33 -6.45 -24.81
C TYR B 309 -41.07 -7.64 -24.20
N SER B 310 -41.69 -7.40 -23.03
CA SER B 310 -42.33 -8.46 -22.27
C SER B 310 -43.64 -8.86 -22.94
N LYS B 311 -44.09 -8.02 -23.88
CA LYS B 311 -45.37 -8.22 -24.54
C LYS B 311 -45.13 -8.83 -25.92
N LEU B 312 -44.11 -8.32 -26.61
CA LEU B 312 -43.88 -8.66 -28.00
C LEU B 312 -43.69 -10.18 -28.12
N GLU B 318 -43.02 -16.45 -28.77
CA GLU B 318 -41.96 -16.40 -27.71
C GLU B 318 -42.60 -16.61 -26.34
N PHE B 319 -43.52 -17.59 -26.26
CA PHE B 319 -44.18 -17.93 -25.01
C PHE B 319 -43.17 -18.60 -24.08
N LYS B 320 -42.11 -19.16 -24.67
CA LYS B 320 -41.09 -19.86 -23.91
C LYS B 320 -40.12 -18.86 -23.31
N LEU B 321 -39.74 -17.86 -24.12
CA LEU B 321 -38.79 -16.85 -23.71
C LEU B 321 -39.35 -16.06 -22.53
N LYS B 322 -40.68 -15.94 -22.49
CA LYS B 322 -41.34 -15.06 -21.55
C LYS B 322 -41.46 -15.77 -20.20
N ARG B 323 -40.75 -16.89 -20.06
CA ARG B 323 -40.78 -17.68 -18.83
C ARG B 323 -39.37 -17.72 -18.25
N THR B 324 -38.39 -17.29 -19.04
CA THR B 324 -36.99 -17.36 -18.65
C THR B 324 -36.53 -15.97 -18.20
N ILE B 325 -37.14 -14.93 -18.79
CA ILE B 325 -36.80 -13.56 -18.47
C ILE B 325 -37.83 -13.01 -17.48
N ALA B 326 -38.38 -13.92 -16.65
CA ALA B 326 -39.33 -13.55 -15.62
C ALA B 326 -38.60 -12.85 -14.48
N PRO B 327 -37.45 -13.39 -14.03
CA PRO B 327 -36.77 -12.81 -12.86
C PRO B 327 -36.21 -11.42 -13.15
N ILE B 328 -35.85 -11.19 -14.42
CA ILE B 328 -35.34 -9.90 -14.86
C ILE B 328 -36.49 -8.89 -14.81
N ILE B 329 -37.72 -9.38 -14.98
CA ILE B 329 -38.90 -8.55 -14.94
C ILE B 329 -39.41 -8.49 -13.50
N ASP B 330 -38.86 -9.36 -12.65
CA ASP B 330 -39.19 -9.36 -11.23
C ASP B 330 -38.45 -8.23 -10.53
N MET B 331 -37.30 -7.85 -11.10
CA MET B 331 -36.45 -6.82 -10.51
C MET B 331 -36.95 -5.45 -10.94
N ASN B 332 -37.98 -5.43 -11.80
CA ASN B 332 -38.57 -4.20 -12.27
C ASN B 332 -39.24 -3.47 -11.12
N SER B 333 -39.98 -4.24 -10.30
CA SER B 333 -40.61 -3.70 -9.10
C SER B 333 -40.47 -4.70 -7.96
N HIS B 340 -37.67 1.77 -6.64
CA HIS B 340 -37.46 2.31 -5.28
C HIS B 340 -37.42 3.83 -5.34
N SER B 341 -37.46 4.47 -4.16
CA SER B 341 -37.52 5.92 -4.08
C SER B 341 -36.61 6.40 -2.95
N LEU B 342 -35.30 6.47 -3.24
CA LEU B 342 -34.30 6.84 -2.25
C LEU B 342 -34.25 5.78 -1.15
N SER B 343 -35.19 4.83 -1.23
CA SER B 343 -35.31 3.80 -0.22
C SER B 343 -34.27 2.72 -0.44
N PRO B 344 -34.10 1.77 0.51
CA PRO B 344 -33.04 0.76 0.38
C PRO B 344 -33.58 -0.57 -0.12
N LEU B 345 -32.72 -1.59 -0.09
CA LEU B 345 -33.07 -2.92 -0.54
C LEU B 345 -33.20 -3.85 0.66
N ASP B 346 -34.41 -4.39 0.86
CA ASP B 346 -34.66 -5.38 1.90
C ASP B 346 -33.74 -6.58 1.68
N SER B 347 -33.66 -7.44 2.69
CA SER B 347 -32.74 -8.57 2.68
C SER B 347 -32.97 -9.40 1.42
N ASP B 348 -34.22 -9.44 0.96
CA ASP B 348 -34.64 -10.37 -0.07
C ASP B 348 -34.14 -9.90 -1.43
N ALA B 349 -34.11 -8.57 -1.61
CA ALA B 349 -33.79 -7.98 -2.90
C ALA B 349 -32.40 -8.40 -3.34
N VAL B 350 -31.53 -8.67 -2.36
CA VAL B 350 -30.15 -9.04 -2.62
C VAL B 350 -30.13 -10.45 -3.21
N LYS B 351 -31.17 -11.23 -2.90
CA LYS B 351 -31.42 -12.49 -3.58
C LYS B 351 -31.72 -12.22 -5.05
N GLN B 352 -32.78 -11.43 -5.29
CA GLN B 352 -33.16 -11.06 -6.64
C GLN B 352 -31.93 -10.67 -7.43
N LEU B 353 -31.04 -9.90 -6.79
CA LEU B 353 -29.72 -9.62 -7.34
C LEU B 353 -28.86 -10.88 -7.26
N GLY B 354 -29.20 -11.88 -8.08
CA GLY B 354 -28.60 -13.19 -8.00
C GLY B 354 -29.35 -14.22 -8.85
N ILE B 355 -30.63 -14.41 -8.53
CA ILE B 355 -31.53 -15.16 -9.39
C ILE B 355 -31.58 -14.49 -10.76
N ALA B 356 -31.58 -13.16 -10.75
CA ALA B 356 -31.54 -12.39 -11.98
C ALA B 356 -30.19 -12.59 -12.68
N MET B 357 -29.13 -12.61 -11.86
CA MET B 357 -27.78 -12.81 -12.38
C MET B 357 -27.70 -14.18 -13.05
N LYS B 358 -28.42 -15.16 -12.48
CA LYS B 358 -28.56 -16.47 -13.09
C LYS B 358 -29.49 -16.38 -14.29
N THR B 359 -30.42 -15.41 -14.24
CA THR B 359 -31.33 -15.15 -15.33
C THR B 359 -30.55 -14.58 -16.51
N LEU B 360 -29.68 -13.61 -16.22
CA LEU B 360 -28.96 -12.89 -17.25
C LEU B 360 -27.77 -13.73 -17.72
N LYS B 361 -27.20 -14.51 -16.79
CA LYS B 361 -26.06 -15.36 -17.08
C LYS B 361 -26.47 -16.39 -18.14
N THR B 362 -27.50 -17.17 -17.84
CA THR B 362 -27.96 -18.22 -18.73
C THR B 362 -28.55 -17.61 -20.00
N LEU B 363 -29.02 -16.35 -19.87
CA LEU B 363 -29.61 -15.64 -20.98
C LEU B 363 -28.52 -15.29 -21.99
N VAL B 364 -27.34 -14.91 -21.47
CA VAL B 364 -26.21 -14.55 -22.32
C VAL B 364 -25.80 -15.77 -23.13
N ARG B 365 -25.50 -16.87 -22.43
CA ARG B 365 -24.85 -18.02 -23.04
C ARG B 365 -25.81 -18.66 -24.04
N GLU B 366 -27.08 -18.78 -23.65
CA GLU B 366 -28.09 -19.43 -24.48
C GLU B 366 -28.08 -18.78 -25.86
N GLN B 367 -28.47 -17.50 -25.91
CA GLN B 367 -28.78 -16.83 -27.16
C GLN B 367 -27.48 -16.61 -27.94
N TYR B 368 -26.38 -16.42 -27.20
CA TYR B 368 -25.06 -16.37 -27.79
C TYR B 368 -24.17 -17.44 -27.15
N HIS B 369 -23.79 -18.44 -27.96
CA HIS B 369 -22.75 -19.38 -27.58
C HIS B 369 -21.45 -18.61 -27.33
N PHE B 370 -20.91 -18.78 -26.11
CA PHE B 370 -19.74 -18.03 -25.69
C PHE B 370 -18.75 -18.97 -25.01
N SER B 371 -19.22 -19.64 -23.95
CA SER B 371 -18.46 -20.71 -23.32
C SER B 371 -17.76 -20.19 -22.08
N GLN B 372 -17.41 -21.10 -21.17
CA GLN B 372 -16.77 -20.74 -19.91
C GLN B 372 -15.33 -20.31 -20.18
N SER B 373 -14.99 -20.22 -21.48
CA SER B 373 -13.69 -19.70 -21.88
C SER B 373 -13.72 -18.18 -21.91
N ASP B 374 -14.93 -17.62 -21.89
CA ASP B 374 -15.11 -16.18 -21.83
C ASP B 374 -15.21 -15.75 -20.37
N PHE B 375 -16.23 -16.25 -19.67
CA PHE B 375 -16.57 -15.77 -18.35
C PHE B 375 -15.56 -16.32 -17.34
N ASN B 376 -14.36 -16.62 -17.82
CA ASN B 376 -13.21 -16.83 -16.96
C ASN B 376 -12.19 -15.73 -17.21
N PHE B 377 -12.46 -14.89 -18.22
CA PHE B 377 -11.53 -13.87 -18.65
C PHE B 377 -10.79 -13.31 -17.44
N TYR B 378 -11.56 -12.86 -16.44
CA TYR B 378 -11.01 -12.13 -15.31
C TYR B 378 -10.43 -13.12 -14.30
N GLN B 379 -11.08 -14.29 -14.20
CA GLN B 379 -10.55 -15.41 -13.44
C GLN B 379 -9.13 -15.70 -13.91
N ASP B 380 -8.90 -15.58 -15.22
CA ASP B 380 -7.59 -15.79 -15.80
C ASP B 380 -6.72 -14.56 -15.53
N LEU B 381 -7.29 -13.38 -15.80
CA LEU B 381 -6.54 -12.13 -15.73
C LEU B 381 -5.94 -11.98 -14.33
N ASN B 382 -6.73 -12.36 -13.32
CA ASN B 382 -6.21 -12.53 -11.97
C ASN B 382 -4.92 -13.35 -12.03
N LYS B 383 -5.00 -14.50 -12.72
CA LYS B 383 -3.99 -15.54 -12.59
C LYS B 383 -2.77 -15.16 -13.45
N ILE B 384 -3.05 -14.56 -14.61
CA ILE B 384 -2.02 -13.91 -15.41
C ILE B 384 -1.37 -12.82 -14.55
N LEU B 385 -2.20 -11.89 -14.07
CA LEU B 385 -1.72 -10.76 -13.29
C LEU B 385 -0.91 -11.27 -12.11
N LEU B 386 -1.52 -12.16 -11.31
CA LEU B 386 -0.95 -12.58 -10.05
C LEU B 386 0.35 -13.36 -10.31
N THR B 387 0.26 -14.33 -11.22
CA THR B 387 1.44 -14.98 -11.77
C THR B 387 2.50 -13.93 -12.06
N LYS B 388 2.14 -12.93 -12.87
CA LYS B 388 3.05 -11.88 -13.28
C LYS B 388 3.72 -11.29 -12.05
N LEU B 389 2.89 -10.78 -11.12
CA LEU B 389 3.39 -10.10 -9.93
C LEU B 389 4.26 -11.07 -9.12
N ASN B 390 3.74 -12.28 -8.92
CA ASN B 390 4.52 -13.36 -8.34
C ASN B 390 5.34 -12.81 -7.16
#